data_8FEY
#
_entry.id   8FEY
#
_cell.length_a   1.000
_cell.length_b   1.000
_cell.length_c   1.000
_cell.angle_alpha   90.00
_cell.angle_beta   90.00
_cell.angle_gamma   90.00
#
_symmetry.space_group_name_H-M   'P 1'
#
_entity_poly.entity_id   1
_entity_poly.type   'polypeptide(L)'
_entity_poly.pdbx_seq_one_letter_code
;ECRWFWGGCNNDADCCKHLECKRKWPHICLWDGTFT
;
_entity_poly.pdbx_strand_id   A
#
# COMPACT_ATOMS: atom_id res chain seq x y z
N GLU A 1 -11.53 -6.57 3.48
CA GLU A 1 -10.93 -5.37 4.07
C GLU A 1 -9.49 -5.23 3.64
N CYS A 2 -8.98 -4.00 3.71
CA CYS A 2 -7.59 -3.72 3.32
C CYS A 2 -6.87 -2.93 4.41
N ARG A 3 -5.58 -2.71 4.21
CA ARG A 3 -4.77 -1.96 5.17
C ARG A 3 -4.77 -0.47 4.84
N TRP A 4 -4.75 0.36 5.88
CA TRP A 4 -4.73 1.81 5.70
C TRP A 4 -3.31 2.34 5.63
N PHE A 5 -3.18 3.66 5.62
CA PHE A 5 -1.86 4.29 5.55
C PHE A 5 -0.98 3.84 6.71
N TRP A 6 0.26 3.50 6.39
CA TRP A 6 1.21 3.05 7.41
C TRP A 6 0.62 1.91 8.23
N GLY A 7 0.18 0.86 7.55
CA GLY A 7 -0.39 -0.29 8.24
C GLY A 7 0.46 -1.53 8.12
N GLY A 8 1.13 -1.68 6.99
CA GLY A 8 1.98 -2.83 6.77
C GLY A 8 1.43 -3.77 5.72
N CYS A 9 2.31 -4.38 4.94
CA CYS A 9 1.89 -5.30 3.89
C CYS A 9 3.11 -5.89 3.17
N ASN A 10 2.86 -6.83 2.26
CA ASN A 10 3.94 -7.47 1.51
C ASN A 10 3.71 -7.30 0.00
N ASN A 11 2.46 -7.37 -0.41
CA ASN A 11 2.11 -7.23 -1.82
C ASN A 11 1.15 -6.06 -2.04
N ASP A 12 0.89 -5.73 -3.29
CA ASP A 12 -0.01 -4.64 -3.63
C ASP A 12 -1.44 -4.97 -3.23
N ALA A 13 -1.82 -6.24 -3.39
CA ALA A 13 -3.16 -6.68 -3.03
C ALA A 13 -3.44 -6.47 -1.55
N ASP A 14 -2.42 -6.66 -0.73
CA ASP A 14 -2.56 -6.49 0.72
C ASP A 14 -3.11 -5.11 1.05
N CYS A 15 -2.70 -4.11 0.28
CA CYS A 15 -3.14 -2.74 0.49
C CYS A 15 -4.41 -2.45 -0.30
N CYS A 16 -5.15 -1.42 0.11
CA CYS A 16 -6.38 -1.05 -0.56
C CYS A 16 -6.15 -0.83 -2.05
N LYS A 17 -7.24 -0.65 -2.80
CA LYS A 17 -7.16 -0.44 -4.23
C LYS A 17 -6.41 0.85 -4.55
N HIS A 18 -6.60 1.87 -3.73
CA HIS A 18 -5.94 3.15 -3.92
C HIS A 18 -4.54 3.15 -3.30
N LEU A 19 -4.41 2.47 -2.16
CA LEU A 19 -3.12 2.38 -1.48
C LEU A 19 -2.23 1.34 -2.13
N GLU A 20 -1.01 1.73 -2.47
CA GLU A 20 -0.06 0.83 -3.09
C GLU A 20 1.08 0.49 -2.13
N CYS A 21 1.41 -0.80 -2.07
CA CYS A 21 2.48 -1.27 -1.18
C CYS A 21 3.82 -1.27 -1.91
N LYS A 22 4.78 -0.52 -1.38
CA LYS A 22 6.11 -0.45 -1.97
C LYS A 22 6.76 -1.83 -2.06
N ARG A 23 7.39 -2.11 -3.18
CA ARG A 23 8.06 -3.40 -3.38
C ARG A 23 9.51 -3.32 -2.95
N LYS A 24 9.77 -2.58 -1.88
CA LYS A 24 11.13 -2.43 -1.37
C LYS A 24 11.12 -2.19 0.14
N TRP A 25 11.71 -3.12 0.88
CA TRP A 25 11.77 -3.02 2.34
C TRP A 25 12.37 -1.68 2.77
N PRO A 26 11.75 -1.05 3.76
CA PRO A 26 10.55 -1.58 4.42
C PRO A 26 9.33 -1.56 3.52
N HIS A 27 8.49 -2.58 3.63
CA HIS A 27 7.28 -2.68 2.83
C HIS A 27 6.07 -2.14 3.59
N ILE A 28 5.48 -1.05 3.09
CA ILE A 28 4.32 -0.45 3.73
C ILE A 28 3.32 0.04 2.69
N CYS A 29 2.08 0.27 3.13
CA CYS A 29 1.04 0.75 2.24
C CYS A 29 1.06 2.27 2.14
N LEU A 30 1.31 2.77 0.93
CA LEU A 30 1.36 4.21 0.70
C LEU A 30 0.26 4.64 -0.25
N TRP A 31 0.21 5.94 -0.55
CA TRP A 31 -0.79 6.48 -1.45
C TRP A 31 -0.25 6.61 -2.87
N ASP A 32 -1.05 6.16 -3.85
CA ASP A 32 -0.64 6.23 -5.24
C ASP A 32 -0.99 7.59 -5.85
N GLY A 33 -2.27 7.93 -5.81
CA GLY A 33 -2.71 9.20 -6.36
C GLY A 33 -3.25 9.06 -7.77
N THR A 34 -2.73 8.10 -8.51
CA THR A 34 -3.16 7.87 -9.88
C THR A 34 -4.29 6.84 -9.94
N PHE A 35 -5.33 7.16 -10.69
CA PHE A 35 -6.48 6.26 -10.84
C PHE A 35 -6.11 5.04 -11.67
N THR A 36 -6.27 3.86 -11.08
CA THR A 36 -5.95 2.62 -11.77
C THR A 36 -6.82 2.44 -13.00
N GLU A 1 -10.53 -6.70 5.82
CA GLU A 1 -10.43 -5.47 5.06
C GLU A 1 -8.98 -5.11 4.79
N CYS A 2 -8.72 -4.47 3.65
CA CYS A 2 -7.37 -4.08 3.28
C CYS A 2 -6.73 -3.22 4.37
N ARG A 3 -5.46 -2.90 4.20
CA ARG A 3 -4.73 -2.10 5.17
C ARG A 3 -4.84 -0.61 4.82
N TRP A 4 -4.71 0.23 5.84
CA TRP A 4 -4.80 1.67 5.66
C TRP A 4 -3.41 2.29 5.52
N PHE A 5 -3.36 3.61 5.50
CA PHE A 5 -2.09 4.33 5.37
C PHE A 5 -1.15 3.97 6.52
N TRP A 6 0.10 3.67 6.18
CA TRP A 6 1.10 3.32 7.19
C TRP A 6 0.59 2.18 8.07
N GLY A 7 0.48 1.00 7.50
CA GLY A 7 0.00 -0.15 8.27
C GLY A 7 0.91 -1.36 8.11
N GLY A 8 1.47 -1.53 6.92
CA GLY A 8 2.36 -2.65 6.68
C GLY A 8 1.74 -3.69 5.77
N CYS A 9 2.56 -4.31 4.92
CA CYS A 9 2.08 -5.32 3.99
C CYS A 9 3.25 -5.98 3.26
N ASN A 10 2.93 -6.88 2.33
CA ASN A 10 3.95 -7.58 1.56
C ASN A 10 3.65 -7.49 0.06
N ASN A 11 2.37 -7.61 -0.28
CA ASN A 11 1.97 -7.54 -1.69
C ASN A 11 1.02 -6.36 -1.92
N ASP A 12 1.04 -5.83 -3.13
CA ASP A 12 0.19 -4.70 -3.48
C ASP A 12 -1.27 -5.00 -3.17
N ALA A 13 -1.67 -6.26 -3.38
CA ALA A 13 -3.03 -6.68 -3.12
C ALA A 13 -3.41 -6.49 -1.65
N ASP A 14 -2.44 -6.71 -0.77
CA ASP A 14 -2.66 -6.57 0.66
C ASP A 14 -3.22 -5.18 0.98
N CYS A 15 -2.76 -4.17 0.25
CA CYS A 15 -3.22 -2.81 0.45
C CYS A 15 -4.45 -2.51 -0.40
N CYS A 16 -5.25 -1.55 0.05
CA CYS A 16 -6.46 -1.17 -0.66
C CYS A 16 -6.15 -0.84 -2.12
N LYS A 17 -7.20 -0.68 -2.92
CA LYS A 17 -7.05 -0.37 -4.34
C LYS A 17 -6.37 0.99 -4.52
N HIS A 18 -6.78 1.97 -3.72
CA HIS A 18 -6.20 3.31 -3.78
C HIS A 18 -4.78 3.31 -3.26
N LEU A 19 -4.52 2.52 -2.22
CA LEU A 19 -3.20 2.44 -1.62
C LEU A 19 -2.32 1.46 -2.39
N GLU A 20 -1.01 1.60 -2.24
CA GLU A 20 -0.06 0.73 -2.91
C GLU A 20 1.15 0.44 -2.02
N CYS A 21 1.43 -0.83 -1.80
CA CYS A 21 2.55 -1.25 -0.97
C CYS A 21 3.88 -0.89 -1.62
N LYS A 22 4.84 -0.48 -0.81
CA LYS A 22 6.16 -0.11 -1.31
C LYS A 22 6.73 -1.21 -2.20
N ARG A 23 7.79 -0.88 -2.94
CA ARG A 23 8.44 -1.84 -3.82
C ARG A 23 9.13 -2.94 -3.03
N LYS A 24 10.04 -2.53 -2.15
CA LYS A 24 10.79 -3.48 -1.32
C LYS A 24 10.85 -3.01 0.13
N TRP A 25 11.43 -3.82 0.99
CA TRP A 25 11.55 -3.48 2.41
C TRP A 25 12.26 -2.14 2.58
N PRO A 26 11.71 -1.31 3.48
CA PRO A 26 10.52 -1.65 4.26
C PRO A 26 9.26 -1.69 3.41
N HIS A 27 8.38 -2.64 3.72
CA HIS A 27 7.13 -2.78 2.98
C HIS A 27 5.97 -2.14 3.72
N ILE A 28 5.43 -1.06 3.16
CA ILE A 28 4.32 -0.34 3.77
C ILE A 28 3.34 0.16 2.71
N CYS A 29 2.08 0.27 3.10
CA CYS A 29 1.04 0.75 2.19
C CYS A 29 1.07 2.27 2.08
N LEU A 30 1.27 2.77 0.86
CA LEU A 30 1.32 4.20 0.62
C LEU A 30 0.15 4.65 -0.27
N TRP A 31 0.12 5.94 -0.58
CA TRP A 31 -0.94 6.49 -1.42
C TRP A 31 -0.48 6.62 -2.86
N ASP A 32 -1.36 6.26 -3.79
CA ASP A 32 -1.05 6.33 -5.22
C ASP A 32 -0.58 7.74 -5.59
N GLY A 33 -1.49 8.70 -5.56
CA GLY A 33 -1.15 10.07 -5.90
C GLY A 33 -1.62 10.44 -7.29
N THR A 34 -1.66 9.46 -8.18
CA THR A 34 -2.09 9.69 -9.56
C THR A 34 -3.44 10.40 -9.61
N PHE A 35 -3.55 11.39 -10.48
CA PHE A 35 -4.78 12.14 -10.62
C PHE A 35 -5.72 11.47 -11.62
N THR A 36 -7.02 11.57 -11.36
CA THR A 36 -8.02 10.98 -12.24
C THR A 36 -9.19 11.92 -12.47
N GLU A 1 -11.39 -6.79 3.19
CA GLU A 1 -10.74 -5.80 4.05
C GLU A 1 -9.29 -5.58 3.62
N CYS A 2 -8.84 -4.33 3.68
CA CYS A 2 -7.47 -3.99 3.31
C CYS A 2 -6.81 -3.14 4.39
N ARG A 3 -5.53 -2.85 4.21
CA ARG A 3 -4.77 -2.05 5.17
C ARG A 3 -4.85 -0.57 4.80
N TRP A 4 -4.82 0.28 5.82
CA TRP A 4 -4.88 1.73 5.61
C TRP A 4 -3.49 2.32 5.46
N PHE A 5 -3.41 3.64 5.42
CA PHE A 5 -2.13 4.32 5.29
C PHE A 5 -1.21 4.00 6.47
N TRP A 6 0.03 3.65 6.15
CA TRP A 6 1.01 3.31 7.17
C TRP A 6 0.51 2.18 8.06
N GLY A 7 0.37 0.99 7.47
CA GLY A 7 -0.11 -0.16 8.22
C GLY A 7 0.80 -1.36 8.09
N GLY A 8 1.40 -1.52 6.91
CA GLY A 8 2.29 -2.64 6.68
C GLY A 8 1.68 -3.69 5.77
N CYS A 9 2.51 -4.30 4.93
CA CYS A 9 2.05 -5.33 4.01
C CYS A 9 3.22 -5.97 3.27
N ASN A 10 2.91 -6.89 2.36
CA ASN A 10 3.93 -7.57 1.58
C ASN A 10 3.62 -7.50 0.09
N ASN A 11 2.35 -7.64 -0.26
CA ASN A 11 1.92 -7.59 -1.65
C ASN A 11 0.99 -6.40 -1.89
N ASP A 12 1.04 -5.85 -3.09
CA ASP A 12 0.19 -4.72 -3.46
C ASP A 12 -1.27 -5.02 -3.16
N ALA A 13 -1.69 -6.26 -3.41
CA ALA A 13 -3.06 -6.66 -3.17
C ALA A 13 -3.43 -6.51 -1.69
N ASP A 14 -2.47 -6.78 -0.81
CA ASP A 14 -2.68 -6.67 0.62
C ASP A 14 -3.25 -5.30 0.98
N CYS A 15 -2.76 -4.27 0.29
CA CYS A 15 -3.20 -2.91 0.54
C CYS A 15 -4.43 -2.57 -0.32
N CYS A 16 -5.20 -1.57 0.13
CA CYS A 16 -6.39 -1.15 -0.59
C CYS A 16 -6.07 -0.85 -2.05
N LYS A 17 -7.11 -0.66 -2.86
CA LYS A 17 -6.94 -0.36 -4.27
C LYS A 17 -6.30 1.02 -4.46
N HIS A 18 -6.72 1.97 -3.64
CA HIS A 18 -6.19 3.34 -3.73
C HIS A 18 -4.74 3.38 -3.23
N LEU A 19 -4.46 2.58 -2.21
CA LEU A 19 -3.11 2.53 -1.64
C LEU A 19 -2.23 1.54 -2.40
N GLU A 20 -0.92 1.65 -2.21
CA GLU A 20 0.03 0.77 -2.86
C GLU A 20 1.21 0.45 -1.96
N CYS A 21 1.48 -0.83 -1.77
CA CYS A 21 2.59 -1.28 -0.94
C CYS A 21 3.93 -0.93 -1.56
N LYS A 22 4.90 -0.61 -0.72
CA LYS A 22 6.23 -0.25 -1.21
C LYS A 22 6.78 -1.32 -2.15
N ARG A 23 7.75 -0.95 -2.97
CA ARG A 23 8.36 -1.88 -3.91
C ARG A 23 9.22 -2.91 -3.19
N LYS A 24 9.98 -2.45 -2.19
CA LYS A 24 10.85 -3.33 -1.42
C LYS A 24 10.92 -2.88 0.03
N TRP A 25 11.48 -3.74 0.88
CA TRP A 25 11.61 -3.43 2.30
C TRP A 25 12.28 -2.08 2.50
N PRO A 26 11.74 -1.27 3.43
CA PRO A 26 10.55 -1.65 4.21
C PRO A 26 9.28 -1.70 3.35
N HIS A 27 8.39 -2.63 3.68
CA HIS A 27 7.15 -2.79 2.95
C HIS A 27 5.99 -2.13 3.71
N ILE A 28 5.44 -1.06 3.14
CA ILE A 28 4.33 -0.35 3.76
C ILE A 28 3.35 0.16 2.72
N CYS A 29 2.08 0.24 3.10
CA CYS A 29 1.04 0.72 2.19
C CYS A 29 1.05 2.25 2.11
N LEU A 30 1.29 2.76 0.91
CA LEU A 30 1.33 4.21 0.70
C LEU A 30 0.16 4.65 -0.17
N TRP A 31 0.13 5.94 -0.49
CA TRP A 31 -0.94 6.50 -1.31
C TRP A 31 -0.47 6.68 -2.75
N ASP A 32 -1.35 6.35 -3.69
CA ASP A 32 -1.02 6.48 -5.11
C ASP A 32 -0.94 7.94 -5.53
N GLY A 33 -2.08 8.64 -5.48
CA GLY A 33 -2.11 10.04 -5.85
C GLY A 33 -2.55 10.25 -7.29
N THR A 34 -2.25 9.27 -8.14
CA THR A 34 -2.61 9.36 -9.55
C THR A 34 -3.68 8.33 -9.91
N PHE A 35 -4.46 8.63 -10.95
CA PHE A 35 -5.51 7.72 -11.39
C PHE A 35 -4.92 6.42 -11.92
N THR A 36 -5.41 5.30 -11.39
CA THR A 36 -4.93 3.99 -11.80
C THR A 36 -6.09 3.07 -12.19
N GLU A 1 -11.26 -6.91 3.83
CA GLU A 1 -10.65 -5.73 4.41
C GLU A 1 -9.21 -5.55 3.93
N CYS A 2 -8.71 -4.33 4.00
CA CYS A 2 -7.35 -4.03 3.57
C CYS A 2 -6.62 -3.17 4.60
N ARG A 3 -5.35 -2.88 4.33
CA ARG A 3 -4.56 -2.07 5.24
C ARG A 3 -4.67 -0.59 4.89
N TRP A 4 -4.48 0.27 5.89
CA TRP A 4 -4.57 1.71 5.68
C TRP A 4 -3.18 2.33 5.58
N PHE A 5 -3.12 3.65 5.53
CA PHE A 5 -1.85 4.36 5.43
C PHE A 5 -0.91 3.95 6.56
N TRP A 6 0.30 3.54 6.19
CA TRP A 6 1.29 3.13 7.17
C TRP A 6 0.78 1.98 8.02
N GLY A 7 0.00 1.09 7.39
CA GLY A 7 -0.55 -0.05 8.11
C GLY A 7 0.35 -1.27 8.03
N GLY A 8 1.05 -1.42 6.90
CA GLY A 8 1.94 -2.55 6.72
C GLY A 8 1.40 -3.57 5.74
N CYS A 9 2.29 -4.15 4.95
CA CYS A 9 1.90 -5.15 3.95
C CYS A 9 3.13 -5.75 3.27
N ASN A 10 2.89 -6.64 2.32
CA ASN A 10 3.97 -7.28 1.59
C ASN A 10 3.79 -7.12 0.08
N ASN A 11 2.54 -7.18 -0.38
CA ASN A 11 2.23 -7.04 -1.79
C ASN A 11 1.24 -5.90 -2.02
N ASP A 12 1.18 -5.42 -3.25
CA ASP A 12 0.27 -4.33 -3.60
C ASP A 12 -1.18 -4.71 -3.31
N ALA A 13 -1.54 -5.95 -3.64
CA ALA A 13 -2.89 -6.44 -3.42
C ALA A 13 -3.24 -6.42 -1.94
N ASP A 14 -2.25 -6.72 -1.09
CA ASP A 14 -2.45 -6.74 0.35
C ASP A 14 -3.09 -5.44 0.83
N CYS A 15 -2.68 -4.33 0.21
CA CYS A 15 -3.21 -3.02 0.58
C CYS A 15 -4.45 -2.68 -0.24
N CYS A 16 -5.20 -1.70 0.23
CA CYS A 16 -6.43 -1.28 -0.46
C CYS A 16 -6.15 -1.00 -1.93
N LYS A 17 -7.22 -0.82 -2.70
CA LYS A 17 -7.10 -0.55 -4.13
C LYS A 17 -6.49 0.84 -4.37
N HIS A 18 -6.85 1.78 -3.50
CA HIS A 18 -6.33 3.15 -3.62
C HIS A 18 -4.88 3.23 -3.16
N LEU A 19 -4.55 2.45 -2.13
CA LEU A 19 -3.20 2.43 -1.59
C LEU A 19 -2.30 1.51 -2.41
N GLU A 20 -1.00 1.55 -2.12
CA GLU A 20 -0.03 0.72 -2.83
C GLU A 20 1.11 0.31 -1.91
N CYS A 21 1.42 -0.99 -1.91
CA CYS A 21 2.49 -1.52 -1.07
C CYS A 21 3.85 -1.22 -1.69
N LYS A 22 4.79 -0.75 -0.85
CA LYS A 22 6.12 -0.43 -1.32
C LYS A 22 6.74 -1.61 -2.09
N ARG A 23 7.68 -1.30 -2.97
CA ARG A 23 8.34 -2.33 -3.77
C ARG A 23 9.04 -3.35 -2.87
N LYS A 24 10.05 -2.89 -2.14
CA LYS A 24 10.81 -3.76 -1.25
C LYS A 24 10.89 -3.16 0.15
N TRP A 25 11.44 -3.91 1.09
CA TRP A 25 11.58 -3.46 2.46
C TRP A 25 12.26 -2.09 2.52
N PRO A 26 11.72 -1.19 3.35
CA PRO A 26 10.55 -1.49 4.17
C PRO A 26 9.27 -1.62 3.35
N HIS A 27 8.37 -2.51 3.78
CA HIS A 27 7.12 -2.74 3.08
C HIS A 27 5.96 -2.04 3.79
N ILE A 28 5.40 -1.03 3.15
CA ILE A 28 4.29 -0.28 3.73
C ILE A 28 3.29 0.14 2.65
N CYS A 29 2.08 0.47 3.08
CA CYS A 29 1.03 0.88 2.15
C CYS A 29 0.97 2.40 2.05
N LEU A 30 1.23 2.93 0.86
CA LEU A 30 1.20 4.36 0.63
C LEU A 30 0.03 4.75 -0.28
N TRP A 31 -0.01 6.02 -0.67
CA TRP A 31 -1.06 6.52 -1.55
C TRP A 31 -0.63 6.47 -3.01
N ASP A 32 -1.54 6.06 -3.88
CA ASP A 32 -1.25 5.96 -5.31
C ASP A 32 -0.68 7.28 -5.83
N GLY A 33 -1.36 8.39 -5.52
CA GLY A 33 -0.90 9.68 -5.96
C GLY A 33 -1.61 10.15 -7.22
N THR A 34 -2.03 9.20 -8.06
CA THR A 34 -2.71 9.51 -9.29
C THR A 34 -4.16 9.94 -9.03
N PHE A 35 -4.68 10.81 -9.90
CA PHE A 35 -6.04 11.29 -9.74
C PHE A 35 -7.05 10.16 -9.89
N THR A 36 -8.13 10.24 -9.13
CA THR A 36 -9.17 9.22 -9.17
C THR A 36 -10.54 9.80 -8.85
N GLU A 1 -11.67 -5.48 3.04
CA GLU A 1 -10.79 -5.59 4.20
C GLU A 1 -9.33 -5.43 3.80
N CYS A 2 -8.88 -4.18 3.74
CA CYS A 2 -7.50 -3.88 3.35
C CYS A 2 -6.81 -3.03 4.41
N ARG A 3 -5.53 -2.76 4.21
CA ARG A 3 -4.75 -1.95 5.15
C ARG A 3 -4.81 -0.47 4.76
N TRP A 4 -4.81 0.40 5.77
CA TRP A 4 -4.85 1.84 5.54
C TRP A 4 -3.45 2.41 5.46
N PHE A 5 -3.36 3.75 5.41
CA PHE A 5 -2.08 4.43 5.34
C PHE A 5 -1.19 4.05 6.51
N TRP A 6 0.05 3.66 6.21
CA TRP A 6 1.00 3.27 7.24
C TRP A 6 0.44 2.14 8.10
N GLY A 7 0.31 0.96 7.50
CA GLY A 7 -0.22 -0.19 8.24
C GLY A 7 0.68 -1.40 8.13
N GLY A 8 1.30 -1.58 6.96
CA GLY A 8 2.17 -2.71 6.74
C GLY A 8 1.60 -3.72 5.78
N CYS A 9 2.46 -4.32 4.96
CA CYS A 9 2.03 -5.31 3.99
C CYS A 9 3.22 -5.93 3.27
N ASN A 10 2.94 -6.81 2.31
CA ASN A 10 3.99 -7.47 1.55
C ASN A 10 3.75 -7.31 0.04
N ASN A 11 2.49 -7.39 -0.36
CA ASN A 11 2.13 -7.26 -1.76
C ASN A 11 1.11 -6.14 -1.96
N ASP A 12 0.97 -5.68 -3.20
CA ASP A 12 0.03 -4.62 -3.52
C ASP A 12 -1.39 -5.03 -3.17
N ALA A 13 -1.70 -6.31 -3.38
CA ALA A 13 -3.03 -6.83 -3.08
C ALA A 13 -3.37 -6.67 -1.60
N ASP A 14 -2.37 -6.82 -0.75
CA ASP A 14 -2.56 -6.69 0.70
C ASP A 14 -3.14 -5.32 1.04
N CYS A 15 -2.70 -4.29 0.33
CA CYS A 15 -3.18 -2.93 0.56
C CYS A 15 -4.41 -2.64 -0.29
N CYS A 16 -5.16 -1.62 0.10
CA CYS A 16 -6.37 -1.23 -0.62
C CYS A 16 -6.06 -0.99 -2.10
N LYS A 17 -7.11 -0.74 -2.88
CA LYS A 17 -6.95 -0.50 -4.31
C LYS A 17 -6.27 0.85 -4.56
N HIS A 18 -6.60 1.84 -3.75
CA HIS A 18 -6.02 3.17 -3.88
C HIS A 18 -4.62 3.20 -3.28
N LEU A 19 -4.44 2.51 -2.15
CA LEU A 19 -3.15 2.46 -1.48
C LEU A 19 -2.23 1.45 -2.15
N GLU A 20 -0.97 1.84 -2.33
CA GLU A 20 0.02 0.96 -2.96
C GLU A 20 1.15 0.62 -1.99
N CYS A 21 1.46 -0.66 -1.87
CA CYS A 21 2.52 -1.11 -0.98
C CYS A 21 3.89 -0.85 -1.59
N LYS A 22 4.87 -0.58 -0.74
CA LYS A 22 6.23 -0.32 -1.18
C LYS A 22 6.72 -1.43 -2.11
N ARG A 23 7.68 -1.08 -2.97
CA ARG A 23 8.24 -2.05 -3.91
C ARG A 23 9.13 -3.06 -3.19
N LYS A 24 9.90 -2.56 -2.22
CA LYS A 24 10.80 -3.42 -1.46
C LYS A 24 10.88 -2.96 -0.01
N TRP A 25 11.45 -3.81 0.85
CA TRP A 25 11.59 -3.49 2.27
C TRP A 25 12.28 -2.14 2.46
N PRO A 26 11.73 -1.32 3.37
CA PRO A 26 10.56 -1.69 4.16
C PRO A 26 9.29 -1.73 3.32
N HIS A 27 8.40 -2.66 3.65
CA HIS A 27 7.14 -2.81 2.91
C HIS A 27 5.99 -2.18 3.69
N ILE A 28 5.44 -1.09 3.14
CA ILE A 28 4.33 -0.40 3.78
C ILE A 28 3.34 0.13 2.74
N CYS A 29 2.08 0.25 3.14
CA CYS A 29 1.04 0.74 2.25
C CYS A 29 1.02 2.28 2.23
N LEU A 30 1.29 2.84 1.05
CA LEU A 30 1.31 4.30 0.91
C LEU A 30 0.18 4.75 -0.03
N TRP A 31 0.15 6.05 -0.30
CA TRP A 31 -0.87 6.62 -1.18
C TRP A 31 -0.39 6.63 -2.63
N ASP A 32 -1.32 6.40 -3.54
CA ASP A 32 -1.00 6.38 -4.97
C ASP A 32 -0.32 7.69 -5.39
N GLY A 33 -0.99 8.81 -5.13
CA GLY A 33 -0.46 10.10 -5.48
C GLY A 33 -1.00 10.63 -6.80
N THR A 34 -1.36 9.71 -7.69
CA THR A 34 -1.91 10.10 -8.99
C THR A 34 -3.42 9.92 -9.02
N PHE A 35 -4.09 10.80 -9.75
CA PHE A 35 -5.55 10.74 -9.87
C PHE A 35 -5.97 9.79 -10.99
N THR A 36 -7.08 9.09 -10.78
CA THR A 36 -7.59 8.15 -11.78
C THR A 36 -9.08 8.35 -12.01
N GLU A 1 -11.63 -4.50 3.77
CA GLU A 1 -10.79 -5.49 4.44
C GLU A 1 -9.34 -5.35 3.99
N CYS A 2 -8.86 -4.11 3.91
CA CYS A 2 -7.49 -3.85 3.50
C CYS A 2 -6.77 -2.99 4.53
N ARG A 3 -5.48 -2.75 4.30
CA ARG A 3 -4.67 -1.94 5.21
C ARG A 3 -4.72 -0.47 4.82
N TRP A 4 -4.40 0.41 5.77
CA TRP A 4 -4.41 1.84 5.52
C TRP A 4 -2.99 2.40 5.51
N PHE A 5 -2.87 3.72 5.40
CA PHE A 5 -1.57 4.37 5.38
C PHE A 5 -0.72 3.94 6.58
N TRP A 6 0.50 3.50 6.31
CA TRP A 6 1.41 3.06 7.36
C TRP A 6 0.79 1.92 8.17
N GLY A 7 0.04 1.06 7.49
CA GLY A 7 -0.60 -0.06 8.16
C GLY A 7 0.25 -1.32 8.12
N GLY A 8 0.99 -1.50 7.02
CA GLY A 8 1.83 -2.67 6.87
C GLY A 8 1.31 -3.63 5.82
N CYS A 9 2.22 -4.24 5.08
CA CYS A 9 1.85 -5.19 4.03
C CYS A 9 3.08 -5.77 3.36
N ASN A 10 2.87 -6.61 2.35
CA ASN A 10 3.96 -7.23 1.62
C ASN A 10 3.79 -7.05 0.11
N ASN A 11 2.55 -7.16 -0.36
CA ASN A 11 2.25 -7.00 -1.77
C ASN A 11 1.27 -5.86 -2.00
N ASP A 12 1.03 -5.53 -3.26
CA ASP A 12 0.12 -4.45 -3.62
C ASP A 12 -1.33 -4.84 -3.30
N ALA A 13 -1.65 -6.11 -3.52
CA ALA A 13 -3.00 -6.60 -3.26
C ALA A 13 -3.34 -6.52 -1.78
N ASP A 14 -2.34 -6.74 -0.94
CA ASP A 14 -2.54 -6.68 0.51
C ASP A 14 -3.16 -5.36 0.92
N CYS A 15 -2.75 -4.29 0.25
CA CYS A 15 -3.27 -2.96 0.56
C CYS A 15 -4.52 -2.66 -0.27
N CYS A 16 -5.26 -1.64 0.14
CA CYS A 16 -6.48 -1.25 -0.58
C CYS A 16 -6.20 -1.05 -2.06
N LYS A 17 -7.27 -0.90 -2.84
CA LYS A 17 -7.15 -0.70 -4.28
C LYS A 17 -6.49 0.64 -4.59
N HIS A 18 -6.80 1.64 -3.78
CA HIS A 18 -6.24 2.98 -3.96
C HIS A 18 -4.81 3.05 -3.42
N LEU A 19 -4.56 2.34 -2.32
CA LEU A 19 -3.24 2.32 -1.71
C LEU A 19 -2.32 1.37 -2.45
N GLU A 20 -1.02 1.47 -2.16
CA GLU A 20 -0.02 0.61 -2.79
C GLU A 20 1.15 0.36 -1.86
N CYS A 21 1.50 -0.92 -1.69
CA CYS A 21 2.61 -1.30 -0.82
C CYS A 21 3.95 -0.93 -1.46
N LYS A 22 4.91 -0.56 -0.62
CA LYS A 22 6.24 -0.19 -1.11
C LYS A 22 6.81 -1.28 -2.01
N ARG A 23 7.68 -0.87 -2.93
CA ARG A 23 8.30 -1.81 -3.86
C ARG A 23 9.05 -2.91 -3.10
N LYS A 24 9.98 -2.50 -2.24
CA LYS A 24 10.76 -3.44 -1.46
C LYS A 24 10.84 -3.00 0.00
N TRP A 25 11.39 -3.88 0.85
CA TRP A 25 11.53 -3.57 2.26
C TRP A 25 12.25 -2.24 2.47
N PRO A 26 11.72 -1.42 3.39
CA PRO A 26 10.52 -1.77 4.18
C PRO A 26 9.26 -1.79 3.33
N HIS A 27 8.35 -2.70 3.66
CA HIS A 27 7.09 -2.82 2.93
C HIS A 27 5.94 -2.16 3.70
N ILE A 28 5.42 -1.07 3.15
CA ILE A 28 4.32 -0.35 3.80
C ILE A 28 3.34 0.18 2.76
N CYS A 29 2.07 0.27 3.15
CA CYS A 29 1.03 0.76 2.25
C CYS A 29 1.07 2.29 2.18
N LEU A 30 1.22 2.81 0.97
CA LEU A 30 1.27 4.25 0.76
C LEU A 30 0.26 4.69 -0.29
N TRP A 31 -0.03 5.99 -0.33
CA TRP A 31 -0.98 6.53 -1.29
C TRP A 31 -0.41 6.50 -2.70
N ASP A 32 -1.27 6.22 -3.67
CA ASP A 32 -0.85 6.15 -5.07
C ASP A 32 -0.57 7.55 -5.62
N GLY A 33 -1.47 8.48 -5.33
CA GLY A 33 -1.29 9.85 -5.80
C GLY A 33 -2.22 10.18 -6.96
N THR A 34 -2.55 9.17 -7.75
CA THR A 34 -3.44 9.37 -8.90
C THR A 34 -4.82 9.85 -8.46
N PHE A 35 -5.33 10.87 -9.15
CA PHE A 35 -6.64 11.42 -8.83
C PHE A 35 -7.75 10.46 -9.24
N THR A 36 -8.78 10.37 -8.41
CA THR A 36 -9.92 9.49 -8.69
C THR A 36 -10.84 10.10 -9.74
N GLU A 1 -10.68 -6.33 6.15
CA GLU A 1 -10.56 -5.20 5.23
C GLU A 1 -9.09 -4.90 4.94
N CYS A 2 -8.83 -4.29 3.79
CA CYS A 2 -7.47 -3.95 3.39
C CYS A 2 -6.80 -3.11 4.47
N ARG A 3 -5.51 -2.83 4.26
CA ARG A 3 -4.74 -2.04 5.21
C ARG A 3 -4.80 -0.55 4.85
N TRP A 4 -4.57 0.30 5.84
CA TRP A 4 -4.61 1.75 5.63
C TRP A 4 -3.19 2.32 5.55
N PHE A 5 -3.09 3.64 5.54
CA PHE A 5 -1.80 4.31 5.47
C PHE A 5 -0.90 3.88 6.64
N TRP A 6 0.33 3.49 6.31
CA TRP A 6 1.28 3.05 7.32
C TRP A 6 0.72 1.89 8.14
N GLY A 7 -0.03 1.02 7.48
CA GLY A 7 -0.62 -0.12 8.16
C GLY A 7 0.25 -1.35 8.09
N GLY A 8 0.99 -1.49 6.99
CA GLY A 8 1.87 -2.63 6.83
C GLY A 8 1.33 -3.63 5.81
N CYS A 9 2.24 -4.23 5.05
CA CYS A 9 1.85 -5.20 4.03
C CYS A 9 3.08 -5.78 3.34
N ASN A 10 2.86 -6.71 2.42
CA ASN A 10 3.95 -7.34 1.69
C ASN A 10 3.75 -7.19 0.18
N ASN A 11 2.50 -7.27 -0.25
CA ASN A 11 2.17 -7.13 -1.67
C ASN A 11 1.22 -5.97 -1.91
N ASP A 12 1.05 -5.59 -3.16
CA ASP A 12 0.17 -4.49 -3.53
C ASP A 12 -1.29 -4.84 -3.22
N ALA A 13 -1.66 -6.08 -3.51
CA ALA A 13 -3.02 -6.54 -3.26
C ALA A 13 -3.37 -6.46 -1.78
N ASP A 14 -2.39 -6.74 -0.93
CA ASP A 14 -2.59 -6.69 0.51
C ASP A 14 -3.21 -5.36 0.93
N CYS A 15 -2.79 -4.28 0.28
CA CYS A 15 -3.31 -2.95 0.59
C CYS A 15 -4.55 -2.65 -0.25
N CYS A 16 -5.26 -1.59 0.14
CA CYS A 16 -6.47 -1.19 -0.57
C CYS A 16 -6.18 -0.95 -2.06
N LYS A 17 -7.23 -0.69 -2.82
CA LYS A 17 -7.09 -0.45 -4.26
C LYS A 17 -6.37 0.88 -4.51
N HIS A 18 -6.67 1.87 -3.67
CA HIS A 18 -6.06 3.19 -3.80
C HIS A 18 -4.63 3.18 -3.26
N LEU A 19 -4.41 2.44 -2.18
CA LEU A 19 -3.09 2.35 -1.56
C LEU A 19 -2.24 1.27 -2.24
N GLU A 20 -0.93 1.46 -2.22
CA GLU A 20 -0.01 0.51 -2.84
C GLU A 20 1.17 0.23 -1.92
N CYS A 21 1.51 -1.06 -1.79
CA CYS A 21 2.63 -1.46 -0.94
C CYS A 21 3.96 -1.11 -1.59
N LYS A 22 4.94 -0.77 -0.76
CA LYS A 22 6.27 -0.41 -1.24
C LYS A 22 6.82 -1.50 -2.17
N ARG A 23 7.74 -1.11 -3.04
CA ARG A 23 8.34 -2.05 -3.98
C ARG A 23 9.27 -3.03 -3.24
N LYS A 24 9.97 -2.52 -2.24
CA LYS A 24 10.88 -3.35 -1.45
C LYS A 24 10.94 -2.87 -0.01
N TRP A 25 11.49 -3.71 0.87
CA TRP A 25 11.61 -3.37 2.28
C TRP A 25 12.29 -2.02 2.46
N PRO A 26 11.72 -1.20 3.36
CA PRO A 26 10.54 -1.57 4.14
C PRO A 26 9.28 -1.64 3.29
N HIS A 27 8.38 -2.55 3.64
CA HIS A 27 7.13 -2.71 2.90
C HIS A 27 5.96 -2.08 3.66
N ILE A 28 5.41 -1.01 3.10
CA ILE A 28 4.29 -0.32 3.73
C ILE A 28 3.30 0.19 2.68
N CYS A 29 2.04 0.33 3.08
CA CYS A 29 1.00 0.80 2.18
C CYS A 29 1.03 2.33 2.07
N LEU A 30 1.30 2.83 0.87
CA LEU A 30 1.35 4.26 0.64
C LEU A 30 0.27 4.70 -0.35
N TRP A 31 0.25 5.98 -0.67
CA TRP A 31 -0.73 6.52 -1.60
C TRP A 31 -0.21 6.46 -3.03
N ASP A 32 -1.11 6.18 -3.98
CA ASP A 32 -0.74 6.11 -5.38
C ASP A 32 -0.01 7.37 -5.83
N GLY A 33 -0.66 8.52 -5.65
CA GLY A 33 -0.06 9.78 -6.04
C GLY A 33 -0.74 10.40 -7.25
N THR A 34 -1.28 9.55 -8.12
CA THR A 34 -1.97 10.02 -9.31
C THR A 34 -3.16 10.92 -8.96
N PHE A 35 -3.31 12.00 -9.71
CA PHE A 35 -4.41 12.94 -9.48
C PHE A 35 -5.72 12.39 -10.01
N THR A 36 -6.79 12.58 -9.25
CA THR A 36 -8.11 12.10 -9.64
C THR A 36 -9.04 13.27 -9.96
N GLU A 1 -10.55 -6.62 5.57
CA GLU A 1 -10.39 -5.21 5.27
C GLU A 1 -8.94 -4.88 4.94
N CYS A 2 -8.74 -4.23 3.80
CA CYS A 2 -7.39 -3.85 3.35
C CYS A 2 -6.68 -3.04 4.42
N ARG A 3 -5.41 -2.76 4.20
CA ARG A 3 -4.61 -1.99 5.14
C ARG A 3 -4.65 -0.50 4.82
N TRP A 4 -4.58 0.33 5.84
CA TRP A 4 -4.62 1.78 5.66
C TRP A 4 -3.21 2.36 5.61
N PHE A 5 -3.13 3.68 5.51
CA PHE A 5 -1.83 4.36 5.45
C PHE A 5 -0.93 3.92 6.61
N TRP A 6 0.31 3.59 6.29
CA TRP A 6 1.26 3.16 7.30
C TRP A 6 0.70 2.00 8.13
N GLY A 7 0.28 0.95 7.45
CA GLY A 7 -0.27 -0.21 8.14
C GLY A 7 0.58 -1.45 7.99
N GLY A 8 1.23 -1.58 6.83
CA GLY A 8 2.07 -2.73 6.57
C GLY A 8 1.45 -3.68 5.57
N CYS A 9 2.30 -4.29 4.73
CA CYS A 9 1.83 -5.22 3.71
C CYS A 9 3.01 -5.91 3.04
N ASN A 10 2.70 -6.85 2.15
CA ASN A 10 3.74 -7.59 1.43
C ASN A 10 3.54 -7.47 -0.07
N ASN A 11 2.29 -7.46 -0.50
CA ASN A 11 1.97 -7.35 -1.92
C ASN A 11 1.04 -6.16 -2.18
N ASP A 12 0.79 -5.88 -3.45
CA ASP A 12 -0.08 -4.77 -3.84
C ASP A 12 -1.52 -5.04 -3.40
N ALA A 13 -1.93 -6.30 -3.47
CA ALA A 13 -3.28 -6.68 -3.09
C ALA A 13 -3.51 -6.47 -1.60
N ASP A 14 -2.47 -6.71 -0.81
CA ASP A 14 -2.56 -6.55 0.63
C ASP A 14 -3.10 -5.17 1.00
N CYS A 15 -2.72 -4.16 0.22
CA CYS A 15 -3.16 -2.80 0.45
C CYS A 15 -4.47 -2.52 -0.28
N CYS A 16 -5.16 -1.47 0.14
CA CYS A 16 -6.43 -1.09 -0.47
C CYS A 16 -6.26 -0.87 -1.98
N LYS A 17 -7.38 -0.63 -2.66
CA LYS A 17 -7.36 -0.41 -4.10
C LYS A 17 -6.64 0.89 -4.43
N HIS A 18 -6.80 1.89 -3.57
CA HIS A 18 -6.17 3.19 -3.79
C HIS A 18 -4.73 3.18 -3.26
N LEU A 19 -4.51 2.48 -2.16
CA LEU A 19 -3.18 2.39 -1.56
C LEU A 19 -2.34 1.33 -2.27
N GLU A 20 -1.02 1.50 -2.21
CA GLU A 20 -0.11 0.55 -2.85
C GLU A 20 1.01 0.14 -1.89
N CYS A 21 1.50 -1.08 -2.04
CA CYS A 21 2.57 -1.59 -1.19
C CYS A 21 3.94 -1.23 -1.77
N LYS A 22 4.86 -0.85 -0.90
CA LYS A 22 6.21 -0.48 -1.31
C LYS A 22 6.82 -1.57 -2.20
N ARG A 23 7.91 -1.24 -2.87
CA ARG A 23 8.58 -2.18 -3.75
C ARG A 23 9.52 -3.09 -2.95
N LYS A 24 10.24 -2.51 -2.00
CA LYS A 24 11.16 -3.27 -1.16
C LYS A 24 11.16 -2.74 0.27
N TRP A 25 11.72 -3.53 1.19
CA TRP A 25 11.78 -3.14 2.59
C TRP A 25 12.37 -1.75 2.74
N PRO A 26 11.76 -0.93 3.61
CA PRO A 26 10.57 -1.33 4.37
C PRO A 26 9.34 -1.49 3.49
N HIS A 27 8.46 -2.40 3.87
CA HIS A 27 7.24 -2.66 3.11
C HIS A 27 6.03 -2.06 3.82
N ILE A 28 5.44 -1.04 3.22
CA ILE A 28 4.27 -0.37 3.80
C ILE A 28 3.29 0.06 2.71
N CYS A 29 2.08 0.41 3.12
CA CYS A 29 1.05 0.85 2.19
C CYS A 29 1.02 2.38 2.09
N LEU A 30 1.31 2.89 0.89
CA LEU A 30 1.32 4.33 0.67
C LEU A 30 0.26 4.72 -0.37
N TRP A 31 0.21 6.00 -0.69
CA TRP A 31 -0.75 6.51 -1.67
C TRP A 31 -0.19 6.43 -3.09
N ASP A 32 -0.98 5.93 -4.02
CA ASP A 32 -0.56 5.80 -5.40
C ASP A 32 -0.30 7.18 -6.02
N GLY A 33 -1.36 7.96 -6.15
CA GLY A 33 -1.23 9.29 -6.73
C GLY A 33 -1.67 9.34 -8.17
N THR A 34 -1.51 8.22 -8.88
CA THR A 34 -1.90 8.14 -10.28
C THR A 34 -3.40 8.36 -10.45
N PHE A 35 -3.76 9.18 -11.44
CA PHE A 35 -5.16 9.48 -11.71
C PHE A 35 -5.89 8.23 -12.22
N THR A 36 -6.99 7.90 -11.56
CA THR A 36 -7.78 6.72 -11.93
C THR A 36 -9.15 7.14 -12.46
N GLU A 1 -11.41 -6.39 3.11
CA GLU A 1 -10.65 -5.75 4.17
C GLU A 1 -9.20 -5.53 3.73
N CYS A 2 -8.77 -4.28 3.69
CA CYS A 2 -7.41 -3.94 3.30
C CYS A 2 -6.71 -3.14 4.39
N ARG A 3 -5.42 -2.86 4.18
CA ARG A 3 -4.64 -2.09 5.14
C ARG A 3 -4.71 -0.59 4.84
N TRP A 4 -4.48 0.22 5.86
CA TRP A 4 -4.52 1.67 5.70
C TRP A 4 -3.12 2.25 5.65
N PHE A 5 -3.03 3.58 5.56
CA PHE A 5 -1.74 4.25 5.49
C PHE A 5 -0.83 3.81 6.64
N TRP A 6 0.39 3.42 6.30
CA TRP A 6 1.35 2.98 7.31
C TRP A 6 0.79 1.82 8.13
N GLY A 7 0.06 0.94 7.47
CA GLY A 7 -0.53 -0.20 8.16
C GLY A 7 0.36 -1.44 8.08
N GLY A 8 1.07 -1.59 6.97
CA GLY A 8 1.94 -2.74 6.80
C GLY A 8 1.42 -3.72 5.77
N CYS A 9 2.32 -4.32 5.01
CA CYS A 9 1.95 -5.28 3.98
C CYS A 9 3.18 -5.82 3.27
N ASN A 10 2.96 -6.69 2.29
CA ASN A 10 4.04 -7.30 1.53
C ASN A 10 3.82 -7.12 0.03
N ASN A 11 2.57 -7.27 -0.39
CA ASN A 11 2.22 -7.14 -1.81
C ASN A 11 1.24 -5.99 -2.01
N ASP A 12 0.98 -5.67 -3.28
CA ASP A 12 0.06 -4.58 -3.62
C ASP A 12 -1.37 -4.94 -3.23
N ALA A 13 -1.72 -6.22 -3.40
CA ALA A 13 -3.05 -6.69 -3.07
C ALA A 13 -3.34 -6.54 -1.57
N ASP A 14 -2.31 -6.74 -0.76
CA ASP A 14 -2.45 -6.62 0.69
C ASP A 14 -3.06 -5.27 1.06
N CYS A 15 -2.68 -4.24 0.32
CA CYS A 15 -3.18 -2.89 0.59
C CYS A 15 -4.48 -2.63 -0.19
N CYS A 16 -5.14 -1.52 0.11
CA CYS A 16 -6.38 -1.16 -0.55
C CYS A 16 -6.15 -0.92 -2.04
N LYS A 17 -7.21 -0.52 -2.74
CA LYS A 17 -7.12 -0.26 -4.18
C LYS A 17 -6.27 0.97 -4.45
N HIS A 18 -6.68 2.11 -3.90
CA HIS A 18 -5.96 3.36 -4.09
C HIS A 18 -4.58 3.28 -3.43
N LEU A 19 -4.50 2.62 -2.30
CA LEU A 19 -3.24 2.47 -1.57
C LEU A 19 -2.35 1.41 -2.23
N GLU A 20 -1.12 1.78 -2.53
CA GLU A 20 -0.17 0.86 -3.16
C GLU A 20 0.96 0.53 -2.20
N CYS A 21 1.22 -0.77 -2.04
CA CYS A 21 2.29 -1.23 -1.16
C CYS A 21 3.64 -1.22 -1.88
N LYS A 22 4.61 -0.55 -1.28
CA LYS A 22 5.95 -0.47 -1.85
C LYS A 22 6.60 -1.85 -1.95
N ARG A 23 7.21 -2.14 -3.09
CA ARG A 23 7.86 -3.43 -3.30
C ARG A 23 9.33 -3.36 -2.90
N LYS A 24 9.62 -2.60 -1.84
CA LYS A 24 10.99 -2.46 -1.35
C LYS A 24 11.00 -2.21 0.15
N TRP A 25 11.62 -3.13 0.88
CA TRP A 25 11.71 -3.02 2.33
C TRP A 25 12.27 -1.66 2.74
N PRO A 26 11.65 -1.04 3.75
CA PRO A 26 10.50 -1.62 4.45
C PRO A 26 9.25 -1.65 3.57
N HIS A 27 8.44 -2.70 3.73
CA HIS A 27 7.21 -2.84 2.96
C HIS A 27 6.03 -2.22 3.69
N ILE A 28 5.48 -1.15 3.13
CA ILE A 28 4.34 -0.47 3.73
C ILE A 28 3.37 0.01 2.67
N CYS A 29 2.14 0.29 3.08
CA CYS A 29 1.11 0.77 2.17
C CYS A 29 1.12 2.29 2.07
N LEU A 30 1.39 2.80 0.88
CA LEU A 30 1.43 4.25 0.65
C LEU A 30 0.27 4.70 -0.22
N TRP A 31 0.21 6.00 -0.50
CA TRP A 31 -0.85 6.55 -1.33
C TRP A 31 -0.43 6.64 -2.79
N ASP A 32 -1.38 6.48 -3.70
CA ASP A 32 -1.09 6.55 -5.13
C ASP A 32 -0.37 7.84 -5.48
N GLY A 33 -0.96 8.96 -5.09
CA GLY A 33 -0.35 10.26 -5.38
C GLY A 33 -1.09 11.01 -6.47
N THR A 34 -1.71 10.27 -7.38
CA THR A 34 -2.45 10.88 -8.47
C THR A 34 -3.80 11.41 -8.00
N PHE A 35 -4.29 12.46 -8.66
CA PHE A 35 -5.57 13.05 -8.31
C PHE A 35 -6.72 12.32 -8.99
N THR A 36 -7.71 11.89 -8.20
CA THR A 36 -8.86 11.19 -8.73
C THR A 36 -10.16 11.86 -8.33
N GLU A 1 -11.11 -6.31 2.88
CA GLU A 1 -10.25 -6.23 4.06
C GLU A 1 -8.81 -5.91 3.65
N CYS A 2 -8.48 -4.62 3.67
CA CYS A 2 -7.14 -4.17 3.32
C CYS A 2 -6.53 -3.31 4.42
N ARG A 3 -5.29 -2.91 4.23
CA ARG A 3 -4.60 -2.08 5.21
C ARG A 3 -4.80 -0.60 4.90
N TRP A 4 -4.27 0.26 5.77
CA TRP A 4 -4.39 1.69 5.59
C TRP A 4 -3.02 2.36 5.54
N PHE A 5 -3.01 3.69 5.58
CA PHE A 5 -1.77 4.45 5.54
C PHE A 5 -0.80 3.95 6.61
N TRP A 6 0.36 3.47 6.18
CA TRP A 6 1.37 2.97 7.10
C TRP A 6 0.81 1.84 7.97
N GLY A 7 -0.04 1.01 7.37
CA GLY A 7 -0.64 -0.09 8.10
C GLY A 7 0.23 -1.34 8.08
N GLY A 8 0.94 -1.54 6.97
CA GLY A 8 1.80 -2.71 6.85
C GLY A 8 1.29 -3.69 5.81
N CYS A 9 2.23 -4.30 5.09
CA CYS A 9 1.87 -5.26 4.05
C CYS A 9 3.12 -5.83 3.39
N ASN A 10 2.93 -6.74 2.44
CA ASN A 10 4.03 -7.37 1.74
C ASN A 10 3.91 -7.17 0.23
N ASN A 11 2.67 -7.20 -0.26
CA ASN A 11 2.40 -7.02 -1.68
C ASN A 11 1.41 -5.88 -1.91
N ASP A 12 1.17 -5.56 -3.18
CA ASP A 12 0.24 -4.49 -3.54
C ASP A 12 -1.20 -4.88 -3.22
N ALA A 13 -1.51 -6.16 -3.43
CA ALA A 13 -2.85 -6.66 -3.15
C ALA A 13 -3.22 -6.50 -1.68
N ASP A 14 -2.24 -6.67 -0.81
CA ASP A 14 -2.46 -6.54 0.63
C ASP A 14 -3.10 -5.20 0.96
N CYS A 15 -2.70 -4.16 0.22
CA CYS A 15 -3.24 -2.82 0.44
C CYS A 15 -4.50 -2.59 -0.40
N CYS A 16 -5.30 -1.61 -0.01
CA CYS A 16 -6.52 -1.29 -0.73
C CYS A 16 -6.23 -0.98 -2.19
N LYS A 17 -7.28 -0.69 -2.95
CA LYS A 17 -7.14 -0.36 -4.36
C LYS A 17 -6.45 0.98 -4.55
N HIS A 18 -6.78 1.94 -3.69
CA HIS A 18 -6.19 3.26 -3.76
C HIS A 18 -4.78 3.27 -3.16
N LEU A 19 -4.61 2.52 -2.08
CA LEU A 19 -3.31 2.44 -1.42
C LEU A 19 -2.41 1.41 -2.10
N GLU A 20 -1.20 1.82 -2.43
CA GLU A 20 -0.24 0.92 -3.08
C GLU A 20 0.93 0.61 -2.15
N CYS A 21 1.22 -0.68 -1.99
CA CYS A 21 2.31 -1.11 -1.13
C CYS A 21 3.64 -1.07 -1.89
N LYS A 22 4.66 -0.53 -1.24
CA LYS A 22 5.99 -0.44 -1.84
C LYS A 22 6.62 -1.81 -2.00
N ARG A 23 7.23 -2.07 -3.15
CA ARG A 23 7.87 -3.34 -3.41
C ARG A 23 9.35 -3.31 -3.01
N LYS A 24 9.64 -2.60 -1.92
CA LYS A 24 11.01 -2.49 -1.43
C LYS A 24 11.02 -2.29 0.09
N TRP A 25 11.63 -3.24 0.79
CA TRP A 25 11.71 -3.17 2.24
C TRP A 25 12.30 -1.84 2.70
N PRO A 26 11.70 -1.23 3.72
CA PRO A 26 10.52 -1.80 4.39
C PRO A 26 9.28 -1.78 3.51
N HIS A 27 8.44 -2.80 3.65
CA HIS A 27 7.21 -2.89 2.87
C HIS A 27 6.03 -2.31 3.64
N ILE A 28 5.47 -1.23 3.12
CA ILE A 28 4.34 -0.58 3.77
C ILE A 28 3.35 -0.04 2.74
N CYS A 29 2.12 0.20 3.17
CA CYS A 29 1.08 0.71 2.28
C CYS A 29 1.15 2.24 2.18
N LEU A 30 1.38 2.74 0.96
CA LEU A 30 1.47 4.17 0.73
C LEU A 30 0.39 4.64 -0.24
N TRP A 31 0.37 5.93 -0.51
CA TRP A 31 -0.61 6.50 -1.43
C TRP A 31 -0.12 6.41 -2.88
N ASP A 32 -1.01 5.95 -3.76
CA ASP A 32 -0.67 5.81 -5.17
C ASP A 32 -0.10 7.11 -5.72
N GLY A 33 -0.76 8.22 -5.41
CA GLY A 33 -0.31 9.51 -5.89
C GLY A 33 -1.00 9.94 -7.17
N THR A 34 -1.37 8.95 -7.98
CA THR A 34 -2.04 9.22 -9.25
C THR A 34 -3.34 9.99 -9.04
N PHE A 35 -3.52 11.06 -9.81
CA PHE A 35 -4.71 11.88 -9.71
C PHE A 35 -5.78 11.43 -10.70
N THR A 36 -7.00 11.20 -10.21
CA THR A 36 -8.09 10.76 -11.05
C THR A 36 -8.94 11.94 -11.50
N GLU A 1 -11.65 -6.37 4.01
CA GLU A 1 -10.93 -5.24 4.60
C GLU A 1 -9.48 -5.21 4.12
N CYS A 2 -8.90 -4.01 4.14
CA CYS A 2 -7.52 -3.84 3.71
C CYS A 2 -6.75 -2.94 4.67
N ARG A 3 -5.47 -2.75 4.40
CA ARG A 3 -4.62 -1.93 5.26
C ARG A 3 -4.60 -0.48 4.75
N TRP A 4 -4.64 0.46 5.69
CA TRP A 4 -4.63 1.88 5.35
C TRP A 4 -3.21 2.42 5.33
N PHE A 5 -3.08 3.73 5.17
CA PHE A 5 -1.78 4.38 5.13
C PHE A 5 -0.96 4.04 6.37
N TRP A 6 0.27 3.60 6.16
CA TRP A 6 1.16 3.23 7.27
C TRP A 6 0.54 2.12 8.12
N GLY A 7 0.37 0.95 7.52
CA GLY A 7 -0.21 -0.18 8.24
C GLY A 7 0.64 -1.43 8.14
N GLY A 8 1.28 -1.62 6.99
CA GLY A 8 2.12 -2.79 6.79
C GLY A 8 1.56 -3.73 5.74
N CYS A 9 2.45 -4.34 4.97
CA CYS A 9 2.04 -5.27 3.91
C CYS A 9 3.26 -5.88 3.23
N ASN A 10 3.00 -6.73 2.24
CA ASN A 10 4.08 -7.39 1.51
C ASN A 10 3.94 -7.16 0.01
N ASN A 11 2.70 -7.16 -0.47
CA ASN A 11 2.43 -6.94 -1.89
C ASN A 11 1.42 -5.81 -2.08
N ASP A 12 1.14 -5.49 -3.34
CA ASP A 12 0.19 -4.43 -3.67
C ASP A 12 -1.23 -4.84 -3.30
N ALA A 13 -1.53 -6.12 -3.48
CA ALA A 13 -2.86 -6.64 -3.17
C ALA A 13 -3.15 -6.53 -1.67
N ASP A 14 -2.12 -6.73 -0.85
CA ASP A 14 -2.26 -6.65 0.59
C ASP A 14 -2.92 -5.34 1.00
N CYS A 15 -2.54 -4.26 0.33
CA CYS A 15 -3.09 -2.94 0.62
C CYS A 15 -4.35 -2.68 -0.19
N CYS A 16 -5.11 -1.67 0.21
CA CYS A 16 -6.35 -1.32 -0.48
C CYS A 16 -6.09 -1.07 -1.97
N LYS A 17 -7.16 -0.83 -2.71
CA LYS A 17 -7.05 -0.57 -4.14
C LYS A 17 -6.47 0.81 -4.41
N HIS A 18 -6.87 1.78 -3.58
CA HIS A 18 -6.38 3.15 -3.73
C HIS A 18 -4.94 3.26 -3.23
N LEU A 19 -4.64 2.59 -2.13
CA LEU A 19 -3.31 2.62 -1.55
C LEU A 19 -2.40 1.59 -2.21
N GLU A 20 -1.14 1.95 -2.43
CA GLU A 20 -0.18 1.05 -3.06
C GLU A 20 0.92 0.68 -2.08
N CYS A 21 1.33 -0.59 -2.12
CA CYS A 21 2.39 -1.08 -1.23
C CYS A 21 3.73 -1.13 -1.95
N LYS A 22 4.73 -0.48 -1.36
CA LYS A 22 6.07 -0.45 -1.95
C LYS A 22 6.66 -1.86 -2.04
N ARG A 23 7.30 -2.14 -3.16
CA ARG A 23 7.91 -3.45 -3.39
C ARG A 23 9.37 -3.45 -2.92
N LYS A 24 9.64 -2.74 -1.84
CA LYS A 24 10.99 -2.66 -1.30
C LYS A 24 10.96 -2.51 0.22
N TRP A 25 11.49 -3.50 0.93
CA TRP A 25 11.52 -3.47 2.38
C TRP A 25 12.23 -2.21 2.88
N PRO A 26 11.63 -1.58 3.91
CA PRO A 26 10.39 -2.04 4.52
C PRO A 26 9.19 -1.87 3.59
N HIS A 27 8.28 -2.83 3.62
CA HIS A 27 7.09 -2.79 2.78
C HIS A 27 5.89 -2.24 3.56
N ILE A 28 5.41 -1.08 3.13
CA ILE A 28 4.28 -0.43 3.79
C ILE A 28 3.26 0.06 2.77
N CYS A 29 2.07 0.41 3.25
CA CYS A 29 1.00 0.89 2.38
C CYS A 29 1.00 2.42 2.34
N LEU A 30 0.95 2.97 1.13
CA LEU A 30 0.94 4.42 0.95
C LEU A 30 -0.12 4.84 -0.06
N TRP A 31 -0.10 6.11 -0.45
CA TRP A 31 -1.05 6.63 -1.42
C TRP A 31 -0.46 6.62 -2.83
N ASP A 32 -1.28 6.22 -3.80
CA ASP A 32 -0.84 6.17 -5.18
C ASP A 32 -0.45 7.55 -5.69
N GLY A 33 -1.41 8.46 -5.72
CA GLY A 33 -1.16 9.81 -6.19
C GLY A 33 -1.77 10.09 -7.54
N THR A 34 -1.88 9.04 -8.36
CA THR A 34 -2.47 9.19 -9.70
C THR A 34 -3.97 8.94 -9.67
N PHE A 35 -4.72 9.89 -10.21
CA PHE A 35 -6.18 9.77 -10.25
C PHE A 35 -6.63 9.05 -11.51
N THR A 36 -7.49 8.05 -11.34
CA THR A 36 -8.00 7.27 -12.46
C THR A 36 -9.32 7.84 -12.97
N GLU A 1 -11.67 -5.22 3.43
CA GLU A 1 -10.74 -5.47 4.53
C GLU A 1 -9.30 -5.36 4.05
N CYS A 2 -8.79 -4.13 4.01
CA CYS A 2 -7.42 -3.89 3.57
C CYS A 2 -6.67 -3.04 4.59
N ARG A 3 -5.41 -2.74 4.30
CA ARG A 3 -4.58 -1.94 5.18
C ARG A 3 -4.66 -0.46 4.82
N TRP A 4 -4.61 0.40 5.82
CA TRP A 4 -4.67 1.85 5.60
C TRP A 4 -3.28 2.44 5.45
N PHE A 5 -3.22 3.76 5.35
CA PHE A 5 -1.94 4.45 5.20
C PHE A 5 -0.96 4.05 6.30
N TRP A 6 0.23 3.65 5.90
CA TRP A 6 1.26 3.22 6.85
C TRP A 6 0.73 2.16 7.79
N GLY A 7 0.55 0.95 7.27
CA GLY A 7 0.04 -0.15 8.08
C GLY A 7 0.89 -1.40 7.97
N GLY A 8 1.41 -1.65 6.77
CA GLY A 8 2.24 -2.83 6.56
C GLY A 8 1.58 -3.83 5.62
N CYS A 9 2.40 -4.51 4.82
CA CYS A 9 1.90 -5.49 3.88
C CYS A 9 3.05 -6.17 3.13
N ASN A 10 2.71 -7.08 2.23
CA ASN A 10 3.70 -7.80 1.44
C ASN A 10 3.44 -7.64 -0.05
N ASN A 11 2.17 -7.65 -0.42
CA ASN A 11 1.78 -7.52 -1.83
C ASN A 11 0.87 -6.31 -2.02
N ASP A 12 0.71 -5.90 -3.27
CA ASP A 12 -0.14 -4.76 -3.60
C ASP A 12 -1.60 -5.06 -3.25
N ALA A 13 -2.01 -6.29 -3.49
CA ALA A 13 -3.39 -6.70 -3.21
C ALA A 13 -3.71 -6.56 -1.73
N ASP A 14 -2.72 -6.82 -0.88
CA ASP A 14 -2.90 -6.72 0.56
C ASP A 14 -3.40 -5.34 0.96
N CYS A 15 -2.89 -4.32 0.26
CA CYS A 15 -3.28 -2.94 0.54
C CYS A 15 -4.52 -2.55 -0.28
N CYS A 16 -5.24 -1.55 0.19
CA CYS A 16 -6.43 -1.07 -0.50
C CYS A 16 -6.13 -0.74 -1.95
N LYS A 17 -7.18 -0.47 -2.73
CA LYS A 17 -7.02 -0.14 -4.13
C LYS A 17 -6.33 1.21 -4.30
N HIS A 18 -6.68 2.17 -3.45
CA HIS A 18 -6.09 3.50 -3.51
C HIS A 18 -4.63 3.46 -3.07
N LEU A 19 -4.34 2.61 -2.09
CA LEU A 19 -2.98 2.48 -1.57
C LEU A 19 -2.20 1.44 -2.36
N GLU A 20 -0.88 1.40 -2.14
CA GLU A 20 -0.02 0.44 -2.83
C GLU A 20 1.14 0.02 -1.95
N CYS A 21 1.40 -1.28 -1.91
CA CYS A 21 2.49 -1.82 -1.10
C CYS A 21 3.84 -1.55 -1.75
N LYS A 22 4.66 -0.74 -1.07
CA LYS A 22 5.98 -0.39 -1.58
C LYS A 22 6.80 -1.65 -1.85
N ARG A 23 7.48 -1.67 -3.00
CA ARG A 23 8.31 -2.81 -3.38
C ARG A 23 9.75 -2.62 -2.91
N LYS A 24 9.90 -2.01 -1.74
CA LYS A 24 11.22 -1.77 -1.18
C LYS A 24 11.16 -1.71 0.35
N TRP A 25 11.82 -2.67 1.00
CA TRP A 25 11.84 -2.71 2.46
C TRP A 25 12.31 -1.39 3.04
N PRO A 26 11.61 -0.92 4.09
CA PRO A 26 10.46 -1.64 4.65
C PRO A 26 9.26 -1.62 3.72
N HIS A 27 8.54 -2.74 3.67
CA HIS A 27 7.36 -2.86 2.81
C HIS A 27 6.12 -2.37 3.55
N ILE A 28 5.53 -1.29 3.05
CA ILE A 28 4.33 -0.72 3.67
C ILE A 28 3.37 -0.17 2.60
N CYS A 29 2.14 0.11 3.01
CA CYS A 29 1.15 0.64 2.10
C CYS A 29 1.18 2.17 2.10
N LEU A 30 1.30 2.75 0.91
CA LEU A 30 1.33 4.21 0.77
C LEU A 30 0.33 4.67 -0.29
N TRP A 31 0.26 5.99 -0.49
CA TRP A 31 -0.65 6.56 -1.47
C TRP A 31 -0.04 6.52 -2.87
N ASP A 32 -0.86 6.19 -3.85
CA ASP A 32 -0.40 6.12 -5.24
C ASP A 32 -0.33 7.51 -5.86
N GLY A 33 0.85 7.89 -6.30
CA GLY A 33 1.03 9.20 -6.91
C GLY A 33 1.88 10.12 -6.06
N THR A 34 1.84 9.93 -4.75
CA THR A 34 2.61 10.76 -3.84
C THR A 34 4.10 10.47 -3.95
N PHE A 35 4.91 11.53 -3.96
CA PHE A 35 6.35 11.38 -4.06
C PHE A 35 6.97 11.08 -2.71
N THR A 36 8.00 10.24 -2.69
CA THR A 36 8.68 9.88 -1.46
C THR A 36 9.20 11.11 -0.73
N GLU A 1 -11.64 -6.38 3.77
CA GLU A 1 -11.01 -5.16 4.28
C GLU A 1 -9.57 -5.05 3.79
N CYS A 2 -9.01 -3.84 3.89
CA CYS A 2 -7.65 -3.60 3.46
C CYS A 2 -6.88 -2.79 4.50
N ARG A 3 -5.59 -2.58 4.25
CA ARG A 3 -4.75 -1.83 5.18
C ARG A 3 -4.73 -0.35 4.82
N TRP A 4 -4.63 0.50 5.83
CA TRP A 4 -4.61 1.95 5.62
C TRP A 4 -3.18 2.47 5.56
N PHE A 5 -3.04 3.78 5.46
CA PHE A 5 -1.72 4.41 5.39
C PHE A 5 -0.86 3.98 6.59
N TRP A 6 0.36 3.52 6.30
CA TRP A 6 1.27 3.08 7.35
C TRP A 6 0.66 1.96 8.18
N GLY A 7 0.27 0.88 7.51
CA GLY A 7 -0.33 -0.25 8.21
C GLY A 7 0.51 -1.51 8.09
N GLY A 8 1.17 -1.67 6.94
CA GLY A 8 1.99 -2.85 6.73
C GLY A 8 1.38 -3.80 5.72
N CYS A 9 2.23 -4.42 4.91
CA CYS A 9 1.76 -5.36 3.89
C CYS A 9 2.95 -6.01 3.19
N ASN A 10 2.65 -6.90 2.24
CA ASN A 10 3.69 -7.60 1.48
C ASN A 10 3.47 -7.43 -0.01
N ASN A 11 2.20 -7.46 -0.44
CA ASN A 11 1.87 -7.31 -1.85
C ASN A 11 0.95 -6.12 -2.06
N ASP A 12 0.72 -5.77 -3.32
CA ASP A 12 -0.15 -4.64 -3.67
C ASP A 12 -1.59 -4.95 -3.29
N ALA A 13 -2.02 -6.18 -3.52
CA ALA A 13 -3.39 -6.59 -3.21
C ALA A 13 -3.66 -6.46 -1.71
N ASP A 14 -2.65 -6.74 -0.90
CA ASP A 14 -2.78 -6.66 0.56
C ASP A 14 -3.33 -5.29 0.97
N CYS A 15 -2.91 -4.26 0.26
CA CYS A 15 -3.36 -2.90 0.56
C CYS A 15 -4.63 -2.56 -0.22
N CYS A 16 -5.27 -1.46 0.15
CA CYS A 16 -6.50 -1.03 -0.50
C CYS A 16 -6.28 -0.87 -2.00
N LYS A 17 -7.35 -0.53 -2.72
CA LYS A 17 -7.28 -0.34 -4.16
C LYS A 17 -6.45 0.89 -4.51
N HIS A 18 -6.57 1.93 -3.70
CA HIS A 18 -5.83 3.17 -3.91
C HIS A 18 -4.43 3.08 -3.32
N LEU A 19 -4.32 2.43 -2.16
CA LEU A 19 -3.03 2.27 -1.49
C LEU A 19 -2.21 1.17 -2.14
N GLU A 20 -0.93 1.42 -2.32
CA GLU A 20 -0.04 0.43 -2.93
C GLU A 20 1.13 0.11 -2.00
N CYS A 21 1.46 -1.18 -1.91
CA CYS A 21 2.55 -1.63 -1.05
C CYS A 21 3.90 -1.36 -1.71
N LYS A 22 4.80 -0.72 -0.95
CA LYS A 22 6.13 -0.40 -1.44
C LYS A 22 6.87 -1.66 -1.88
N ARG A 23 7.53 -1.59 -3.04
CA ARG A 23 8.26 -2.73 -3.57
C ARG A 23 9.72 -2.68 -3.10
N LYS A 24 9.94 -2.24 -1.87
CA LYS A 24 11.28 -2.15 -1.32
C LYS A 24 11.22 -1.96 0.19
N TRP A 25 11.88 -2.85 0.92
CA TRP A 25 11.91 -2.79 2.38
C TRP A 25 12.43 -1.44 2.86
N PRO A 26 11.77 -0.86 3.85
CA PRO A 26 10.59 -1.47 4.48
C PRO A 26 9.38 -1.49 3.55
N HIS A 27 8.61 -2.57 3.61
CA HIS A 27 7.43 -2.71 2.78
C HIS A 27 6.18 -2.26 3.54
N ILE A 28 5.57 -1.18 3.07
CA ILE A 28 4.37 -0.65 3.70
C ILE A 28 3.39 -0.12 2.66
N CYS A 29 2.14 0.09 3.07
CA CYS A 29 1.10 0.59 2.17
C CYS A 29 1.16 2.11 2.07
N LEU A 30 1.43 2.61 0.87
CA LEU A 30 1.51 4.05 0.64
C LEU A 30 0.46 4.50 -0.37
N TRP A 31 0.48 5.79 -0.69
CA TRP A 31 -0.47 6.35 -1.63
C TRP A 31 0.06 6.27 -3.06
N ASP A 32 -0.79 5.84 -3.99
CA ASP A 32 -0.39 5.72 -5.39
C ASP A 32 0.14 7.04 -5.92
N GLY A 33 -0.69 8.08 -5.86
CA GLY A 33 -0.28 9.38 -6.34
C GLY A 33 -0.90 9.74 -7.68
N THR A 34 -1.18 8.72 -8.49
CA THR A 34 -1.78 8.92 -9.79
C THR A 34 -3.29 8.67 -9.75
N PHE A 35 -4.05 9.55 -10.40
CA PHE A 35 -5.49 9.43 -10.43
C PHE A 35 -5.91 8.13 -11.11
N THR A 36 -7.13 7.67 -10.82
CA THR A 36 -7.65 6.44 -11.39
C THR A 36 -8.53 6.73 -12.59
N GLU A 1 -11.44 -6.73 3.56
CA GLU A 1 -10.87 -5.49 4.08
C GLU A 1 -9.42 -5.32 3.62
N CYS A 2 -8.92 -4.10 3.72
CA CYS A 2 -7.56 -3.79 3.32
C CYS A 2 -6.84 -3.00 4.41
N ARG A 3 -5.55 -2.73 4.18
CA ARG A 3 -4.75 -1.97 5.14
C ARG A 3 -4.80 -0.48 4.84
N TRP A 4 -4.73 0.33 5.89
CA TRP A 4 -4.78 1.78 5.74
C TRP A 4 -3.37 2.36 5.67
N PHE A 5 -3.28 3.68 5.59
CA PHE A 5 -1.99 4.37 5.53
C PHE A 5 -1.08 3.92 6.67
N TRP A 6 0.14 3.54 6.33
CA TRP A 6 1.11 3.10 7.33
C TRP A 6 0.53 1.98 8.18
N GLY A 7 0.27 0.83 7.55
CA GLY A 7 -0.28 -0.30 8.27
C GLY A 7 0.56 -1.55 8.13
N GLY A 8 1.20 -1.70 6.98
CA GLY A 8 2.05 -2.86 6.74
C GLY A 8 1.48 -3.79 5.69
N CYS A 9 2.35 -4.38 4.89
CA CYS A 9 1.93 -5.30 3.83
C CYS A 9 3.14 -5.90 3.12
N ASN A 10 2.88 -6.91 2.29
CA ASN A 10 3.95 -7.58 1.55
C ASN A 10 3.78 -7.35 0.04
N ASN A 11 2.53 -7.33 -0.42
CA ASN A 11 2.25 -7.13 -1.83
C ASN A 11 1.31 -5.94 -2.02
N ASP A 12 1.01 -5.64 -3.29
CA ASP A 12 0.12 -4.52 -3.61
C ASP A 12 -1.32 -4.85 -3.25
N ALA A 13 -1.71 -6.12 -3.43
CA ALA A 13 -3.06 -6.56 -3.12
C ALA A 13 -3.35 -6.42 -1.63
N ASP A 14 -2.34 -6.65 -0.81
CA ASP A 14 -2.49 -6.55 0.64
C ASP A 14 -3.07 -5.20 1.03
N CYS A 15 -2.67 -4.16 0.31
CA CYS A 15 -3.15 -2.81 0.58
C CYS A 15 -4.43 -2.51 -0.21
N CYS A 16 -5.14 -1.46 0.20
CA CYS A 16 -6.38 -1.07 -0.46
C CYS A 16 -6.16 -0.88 -1.95
N LYS A 17 -7.24 -0.65 -2.69
CA LYS A 17 -7.17 -0.45 -4.13
C LYS A 17 -6.43 0.84 -4.46
N HIS A 18 -6.67 1.88 -3.66
CA HIS A 18 -6.03 3.18 -3.87
C HIS A 18 -4.61 3.17 -3.29
N LEU A 19 -4.46 2.54 -2.14
CA LEU A 19 -3.16 2.47 -1.47
C LEU A 19 -2.28 1.40 -2.13
N GLU A 20 -1.08 1.80 -2.55
CA GLU A 20 -0.15 0.88 -3.19
C GLU A 20 1.01 0.55 -2.25
N CYS A 21 1.31 -0.74 -2.12
CA CYS A 21 2.39 -1.20 -1.26
C CYS A 21 3.72 -1.18 -2.01
N LYS A 22 4.75 -0.65 -1.38
CA LYS A 22 6.08 -0.58 -1.98
C LYS A 22 6.73 -1.97 -2.02
N ARG A 23 7.36 -2.28 -3.14
CA ARG A 23 8.02 -3.57 -3.31
C ARG A 23 9.49 -3.49 -2.88
N LYS A 24 9.74 -2.71 -1.84
CA LYS A 24 11.11 -2.55 -1.33
C LYS A 24 11.09 -2.27 0.18
N TRP A 25 11.66 -3.20 0.94
CA TRP A 25 11.72 -3.04 2.39
C TRP A 25 12.32 -1.69 2.78
N PRO A 26 11.70 -1.03 3.76
CA PRO A 26 10.51 -1.55 4.44
C PRO A 26 9.28 -1.55 3.53
N HIS A 27 8.47 -2.59 3.63
CA HIS A 27 7.27 -2.72 2.82
C HIS A 27 6.05 -2.19 3.57
N ILE A 28 5.49 -1.09 3.09
CA ILE A 28 4.33 -0.47 3.71
C ILE A 28 3.34 0.03 2.66
N CYS A 29 2.12 0.33 3.09
CA CYS A 29 1.09 0.83 2.20
C CYS A 29 1.12 2.35 2.12
N LEU A 30 1.34 2.87 0.92
CA LEU A 30 1.40 4.32 0.72
C LEU A 30 0.35 4.76 -0.29
N TRP A 31 0.34 6.06 -0.60
CA TRP A 31 -0.62 6.61 -1.54
C TRP A 31 -0.11 6.48 -2.97
N ASP A 32 -1.01 6.19 -3.91
CA ASP A 32 -0.64 6.05 -5.31
C ASP A 32 0.13 7.26 -5.80
N GLY A 33 -0.45 8.45 -5.63
CA GLY A 33 0.21 9.66 -6.05
C GLY A 33 -0.41 10.26 -7.30
N THR A 34 -0.97 9.39 -8.15
CA THR A 34 -1.60 9.83 -9.38
C THR A 34 -2.94 10.50 -9.11
N PHE A 35 -3.23 11.56 -9.85
CA PHE A 35 -4.48 12.30 -9.68
C PHE A 35 -5.56 11.72 -10.59
N THR A 36 -6.80 11.69 -10.08
CA THR A 36 -7.93 11.16 -10.84
C THR A 36 -8.14 11.97 -12.13
N GLU A 1 -10.94 -7.15 3.39
CA GLU A 1 -10.32 -6.11 4.20
C GLU A 1 -8.90 -5.84 3.74
N CYS A 2 -8.47 -4.59 3.83
CA CYS A 2 -7.13 -4.20 3.43
C CYS A 2 -6.46 -3.34 4.50
N ARG A 3 -5.22 -2.94 4.24
CA ARG A 3 -4.46 -2.12 5.19
C ARG A 3 -4.65 -0.64 4.89
N TRP A 4 -4.33 0.20 5.87
CA TRP A 4 -4.47 1.65 5.71
C TRP A 4 -3.10 2.30 5.54
N PHE A 5 -3.07 3.63 5.60
CA PHE A 5 -1.83 4.37 5.45
C PHE A 5 -0.80 3.93 6.49
N TRP A 6 0.33 3.44 6.01
CA TRP A 6 1.40 2.97 6.89
C TRP A 6 0.90 1.86 7.81
N GLY A 7 0.05 0.99 7.27
CA GLY A 7 -0.49 -0.11 8.04
C GLY A 7 0.40 -1.35 7.99
N GLY A 8 1.05 -1.56 6.85
CA GLY A 8 1.91 -2.71 6.70
C GLY A 8 1.36 -3.72 5.73
N CYS A 9 2.24 -4.35 4.95
CA CYS A 9 1.83 -5.35 3.99
C CYS A 9 3.03 -5.95 3.26
N ASN A 10 2.78 -6.90 2.37
CA ASN A 10 3.85 -7.54 1.62
C ASN A 10 3.60 -7.43 0.11
N ASN A 11 2.33 -7.54 -0.28
CA ASN A 11 1.96 -7.44 -1.69
C ASN A 11 1.08 -6.23 -1.93
N ASP A 12 0.94 -5.85 -3.20
CA ASP A 12 0.11 -4.70 -3.57
C ASP A 12 -1.36 -4.98 -3.27
N ALA A 13 -1.81 -6.20 -3.56
CA ALA A 13 -3.18 -6.58 -3.31
C ALA A 13 -3.54 -6.46 -1.84
N ASP A 14 -2.58 -6.77 -0.98
CA ASP A 14 -2.79 -6.70 0.46
C ASP A 14 -3.34 -5.33 0.86
N CYS A 15 -2.89 -4.29 0.18
CA CYS A 15 -3.34 -2.93 0.47
C CYS A 15 -4.57 -2.59 -0.35
N CYS A 16 -5.32 -1.59 0.11
CA CYS A 16 -6.53 -1.16 -0.57
C CYS A 16 -6.23 -0.75 -2.02
N LYS A 17 -7.27 -0.42 -2.77
CA LYS A 17 -7.11 0.00 -4.16
C LYS A 17 -6.28 1.27 -4.25
N HIS A 18 -6.74 2.33 -3.60
CA HIS A 18 -6.04 3.61 -3.62
C HIS A 18 -4.63 3.45 -3.06
N LEU A 19 -4.49 2.60 -2.05
CA LEU A 19 -3.19 2.37 -1.43
C LEU A 19 -2.37 1.38 -2.25
N GLU A 20 -1.05 1.41 -2.06
CA GLU A 20 -0.15 0.52 -2.78
C GLU A 20 1.05 0.13 -1.92
N CYS A 21 1.32 -1.16 -1.83
CA CYS A 21 2.42 -1.66 -1.03
C CYS A 21 3.76 -1.35 -1.71
N LYS A 22 4.75 -0.99 -0.89
CA LYS A 22 6.08 -0.67 -1.40
C LYS A 22 6.82 -1.92 -1.86
N ARG A 23 7.47 -1.85 -3.00
CA ARG A 23 8.21 -2.98 -3.54
C ARG A 23 9.67 -2.94 -3.08
N LYS A 24 9.88 -2.51 -1.85
CA LYS A 24 11.22 -2.42 -1.27
C LYS A 24 11.17 -2.13 0.21
N TRP A 25 11.80 -2.97 1.01
CA TRP A 25 11.82 -2.80 2.46
C TRP A 25 12.36 -1.42 2.83
N PRO A 26 11.69 -0.76 3.78
CA PRO A 26 10.51 -1.32 4.45
C PRO A 26 9.30 -1.39 3.52
N HIS A 27 8.52 -2.46 3.65
CA HIS A 27 7.34 -2.65 2.83
C HIS A 27 6.09 -2.16 3.54
N ILE A 28 5.49 -1.09 3.03
CA ILE A 28 4.29 -0.52 3.62
C ILE A 28 3.33 -0.01 2.54
N CYS A 29 2.10 0.25 2.94
CA CYS A 29 1.08 0.75 2.02
C CYS A 29 1.11 2.27 1.95
N LEU A 30 1.42 2.80 0.77
CA LEU A 30 1.48 4.25 0.57
C LEU A 30 0.31 4.72 -0.29
N TRP A 31 0.29 6.01 -0.60
CA TRP A 31 -0.77 6.60 -1.41
C TRP A 31 -0.37 6.62 -2.89
N ASP A 32 -1.30 6.22 -3.75
CA ASP A 32 -1.05 6.19 -5.19
C ASP A 32 -0.58 7.56 -5.67
N GLY A 33 -1.30 8.60 -5.30
CA GLY A 33 -0.94 9.95 -5.72
C GLY A 33 -1.90 10.52 -6.73
N THR A 34 -2.50 9.65 -7.53
CA THR A 34 -3.46 10.07 -8.55
C THR A 34 -4.77 10.50 -7.93
N PHE A 35 -5.33 11.59 -8.43
CA PHE A 35 -6.61 12.11 -7.92
C PHE A 35 -7.73 11.11 -8.18
N THR A 36 -8.70 11.07 -7.27
CA THR A 36 -9.83 10.17 -7.39
C THR A 36 -10.72 10.57 -8.56
N GLU A 1 -10.15 -6.94 5.89
CA GLU A 1 -10.09 -5.66 5.19
C GLU A 1 -8.65 -5.27 4.90
N CYS A 2 -8.44 -4.63 3.74
CA CYS A 2 -7.11 -4.21 3.35
C CYS A 2 -6.45 -3.35 4.42
N ARG A 3 -5.18 -3.02 4.22
CA ARG A 3 -4.45 -2.19 5.18
C ARG A 3 -4.58 -0.72 4.85
N TRP A 4 -4.31 0.14 5.84
CA TRP A 4 -4.41 1.58 5.65
C TRP A 4 -3.03 2.21 5.56
N PHE A 5 -2.99 3.53 5.43
CA PHE A 5 -1.73 4.25 5.33
C PHE A 5 -0.80 3.88 6.49
N TRP A 6 0.42 3.47 6.16
CA TRP A 6 1.39 3.09 7.16
C TRP A 6 0.87 1.95 8.03
N GLY A 7 0.12 1.04 7.41
CA GLY A 7 -0.44 -0.08 8.14
C GLY A 7 0.45 -1.32 8.06
N GLY A 8 1.08 -1.52 6.91
CA GLY A 8 1.95 -2.66 6.73
C GLY A 8 1.38 -3.67 5.76
N CYS A 9 2.25 -4.29 4.96
CA CYS A 9 1.83 -5.27 3.98
C CYS A 9 3.04 -5.89 3.27
N ASN A 10 2.77 -6.81 2.35
CA ASN A 10 3.84 -7.48 1.61
C ASN A 10 3.59 -7.40 0.10
N ASN A 11 2.32 -7.54 -0.28
CA ASN A 11 1.94 -7.48 -1.69
C ASN A 11 0.98 -6.33 -1.95
N ASP A 12 0.92 -5.88 -3.20
CA ASP A 12 0.04 -4.79 -3.58
C ASP A 12 -1.41 -5.12 -3.24
N ALA A 13 -1.79 -6.38 -3.45
CA ALA A 13 -3.15 -6.82 -3.17
C ALA A 13 -3.49 -6.65 -1.69
N ASP A 14 -2.50 -6.87 -0.83
CA ASP A 14 -2.69 -6.73 0.61
C ASP A 14 -3.23 -5.35 0.97
N CYS A 15 -2.79 -4.34 0.23
CA CYS A 15 -3.22 -2.97 0.46
C CYS A 15 -4.49 -2.66 -0.35
N CYS A 16 -5.20 -1.61 0.06
CA CYS A 16 -6.42 -1.21 -0.62
C CYS A 16 -6.14 -0.84 -2.07
N LYS A 17 -7.16 -0.36 -2.77
CA LYS A 17 -7.02 0.03 -4.17
C LYS A 17 -6.20 1.31 -4.29
N HIS A 18 -6.75 2.41 -3.77
CA HIS A 18 -6.07 3.70 -3.81
C HIS A 18 -4.65 3.59 -3.25
N LEU A 19 -4.49 2.77 -2.22
CA LEU A 19 -3.20 2.57 -1.59
C LEU A 19 -2.37 1.53 -2.36
N GLU A 20 -1.05 1.69 -2.31
CA GLU A 20 -0.16 0.78 -3.01
C GLU A 20 1.01 0.38 -2.10
N CYS A 21 1.24 -0.93 -1.98
CA CYS A 21 2.32 -1.44 -1.14
C CYS A 21 3.66 -1.33 -1.86
N LYS A 22 4.60 -0.63 -1.24
CA LYS A 22 5.92 -0.43 -1.82
C LYS A 22 6.65 -1.78 -1.95
N ARG A 23 7.30 -1.98 -3.08
CA ARG A 23 8.04 -3.22 -3.33
C ARG A 23 9.49 -3.08 -2.89
N LYS A 24 9.70 -2.36 -1.80
CA LYS A 24 11.05 -2.15 -1.27
C LYS A 24 11.02 -1.98 0.25
N TRP A 25 11.75 -2.83 0.95
CA TRP A 25 11.81 -2.77 2.40
C TRP A 25 12.30 -1.40 2.87
N PRO A 26 11.64 -0.84 3.89
CA PRO A 26 10.50 -1.50 4.54
C PRO A 26 9.26 -1.55 3.64
N HIS A 27 8.54 -2.67 3.70
CA HIS A 27 7.34 -2.85 2.89
C HIS A 27 6.12 -2.31 3.61
N ILE A 28 5.54 -1.23 3.08
CA ILE A 28 4.36 -0.63 3.68
C ILE A 28 3.39 -0.14 2.60
N CYS A 29 2.16 0.17 3.02
CA CYS A 29 1.14 0.64 2.10
C CYS A 29 1.13 2.17 2.02
N LEU A 30 1.43 2.69 0.84
CA LEU A 30 1.46 4.14 0.63
C LEU A 30 0.20 4.61 -0.09
N TRP A 31 0.11 5.91 -0.33
CA TRP A 31 -1.04 6.49 -1.00
C TRP A 31 -0.70 6.87 -2.44
N ASP A 32 -1.53 6.42 -3.38
CA ASP A 32 -1.30 6.73 -4.79
C ASP A 32 -1.12 8.22 -5.00
N GLY A 33 0.06 8.60 -5.49
CA GLY A 33 0.34 10.00 -5.74
C GLY A 33 1.39 10.55 -4.80
N THR A 34 1.45 10.00 -3.59
CA THR A 34 2.42 10.44 -2.59
C THR A 34 3.85 10.16 -3.04
N PHE A 35 4.73 11.13 -2.83
CA PHE A 35 6.13 10.99 -3.21
C PHE A 35 6.97 10.48 -2.05
N THR A 36 8.07 9.79 -2.38
CA THR A 36 8.95 9.25 -1.36
C THR A 36 9.63 10.36 -0.56
N GLU A 1 -11.14 -6.97 4.47
CA GLU A 1 -10.73 -5.57 4.48
C GLU A 1 -9.29 -5.42 3.98
N CYS A 2 -8.77 -4.21 4.04
CA CYS A 2 -7.41 -3.93 3.59
C CYS A 2 -6.67 -3.06 4.61
N ARG A 3 -5.40 -2.78 4.32
CA ARG A 3 -4.58 -1.97 5.21
C ARG A 3 -4.65 -0.50 4.82
N TRP A 4 -4.67 0.38 5.83
CA TRP A 4 -4.74 1.81 5.58
C TRP A 4 -3.34 2.41 5.49
N PHE A 5 -3.27 3.74 5.41
CA PHE A 5 -1.99 4.43 5.32
C PHE A 5 -1.09 4.07 6.50
N TRP A 6 0.13 3.66 6.19
CA TRP A 6 1.10 3.30 7.21
C TRP A 6 0.55 2.17 8.09
N GLY A 7 0.41 0.98 7.49
CA GLY A 7 -0.10 -0.16 8.24
C GLY A 7 0.78 -1.38 8.09
N GLY A 8 1.38 -1.55 6.92
CA GLY A 8 2.25 -2.69 6.68
C GLY A 8 1.66 -3.67 5.69
N CYS A 9 2.52 -4.25 4.86
CA CYS A 9 2.08 -5.21 3.85
C CYS A 9 3.28 -5.82 3.12
N ASN A 10 2.99 -6.66 2.14
CA ASN A 10 4.04 -7.31 1.36
C ASN A 10 3.82 -7.10 -0.14
N ASN A 11 2.56 -7.16 -0.55
CA ASN A 11 2.22 -6.99 -1.96
C ASN A 11 1.17 -5.88 -2.13
N ASP A 12 0.94 -5.47 -3.37
CA ASP A 12 -0.03 -4.43 -3.67
C ASP A 12 -1.44 -4.88 -3.29
N ALA A 13 -1.74 -6.15 -3.53
CA ALA A 13 -3.04 -6.71 -3.23
C ALA A 13 -3.33 -6.63 -1.73
N ASP A 14 -2.28 -6.82 -0.92
CA ASP A 14 -2.43 -6.78 0.53
C ASP A 14 -3.04 -5.45 0.98
N CYS A 15 -2.66 -4.37 0.29
CA CYS A 15 -3.18 -3.05 0.63
C CYS A 15 -4.46 -2.75 -0.15
N CYS A 16 -5.13 -1.68 0.23
CA CYS A 16 -6.38 -1.29 -0.42
C CYS A 16 -6.17 -1.08 -1.92
N LYS A 17 -7.25 -0.78 -2.63
CA LYS A 17 -7.18 -0.55 -4.06
C LYS A 17 -6.64 0.84 -4.38
N HIS A 18 -7.01 1.81 -3.56
CA HIS A 18 -6.54 3.18 -3.74
C HIS A 18 -5.08 3.32 -3.35
N LEU A 19 -4.70 2.69 -2.25
CA LEU A 19 -3.33 2.75 -1.76
C LEU A 19 -2.42 1.87 -2.62
N GLU A 20 -1.13 1.90 -2.31
CA GLU A 20 -0.14 1.11 -3.05
C GLU A 20 1.01 0.68 -2.15
N CYS A 21 1.23 -0.62 -2.04
CA CYS A 21 2.30 -1.15 -1.21
C CYS A 21 3.64 -1.12 -1.97
N LYS A 22 4.66 -0.61 -1.30
CA LYS A 22 5.99 -0.52 -1.90
C LYS A 22 6.61 -1.90 -2.03
N ARG A 23 7.34 -2.12 -3.14
CA ARG A 23 7.98 -3.40 -3.38
C ARG A 23 9.40 -3.40 -2.84
N LYS A 24 9.60 -2.75 -1.70
CA LYS A 24 10.91 -2.67 -1.06
C LYS A 24 10.79 -2.66 0.45
N TRP A 25 11.80 -3.17 1.13
CA TRP A 25 11.81 -3.22 2.59
C TRP A 25 12.41 -1.94 3.17
N PRO A 26 11.75 -1.38 4.19
CA PRO A 26 10.50 -1.93 4.73
C PRO A 26 9.34 -1.78 3.75
N HIS A 27 8.51 -2.82 3.68
CA HIS A 27 7.35 -2.81 2.79
C HIS A 27 6.11 -2.31 3.52
N ILE A 28 5.59 -1.16 3.09
CA ILE A 28 4.41 -0.57 3.71
C ILE A 28 3.43 -0.07 2.65
N CYS A 29 2.22 0.23 3.07
CA CYS A 29 1.18 0.72 2.17
C CYS A 29 1.20 2.24 2.11
N LEU A 30 1.48 2.79 0.92
CA LEU A 30 1.53 4.23 0.73
C LEU A 30 0.34 4.71 -0.10
N TRP A 31 0.29 6.01 -0.36
CA TRP A 31 -0.79 6.59 -1.16
C TRP A 31 -0.41 6.66 -2.63
N ASP A 32 -1.38 6.37 -3.49
CA ASP A 32 -1.14 6.40 -4.94
C ASP A 32 -0.52 7.74 -5.36
N GLY A 33 -1.16 8.83 -4.95
CA GLY A 33 -0.66 10.15 -5.31
C GLY A 33 -1.33 10.71 -6.53
N THR A 34 -1.75 9.84 -7.43
CA THR A 34 -2.42 10.26 -8.67
C THR A 34 -3.71 10.99 -8.36
N PHE A 35 -3.99 12.04 -9.13
CA PHE A 35 -5.21 12.82 -8.94
C PHE A 35 -6.44 12.05 -9.40
N THR A 36 -7.50 12.11 -8.61
CA THR A 36 -8.74 11.41 -8.94
C THR A 36 -9.73 12.33 -9.64
N GLU A 1 -10.75 -6.53 4.55
CA GLU A 1 -10.29 -5.44 5.39
C GLU A 1 -8.84 -5.08 5.07
N CYS A 2 -8.62 -4.51 3.89
CA CYS A 2 -7.28 -4.12 3.47
C CYS A 2 -6.61 -3.24 4.51
N ARG A 3 -5.33 -2.94 4.31
CA ARG A 3 -4.57 -2.11 5.24
C ARG A 3 -4.67 -0.64 4.84
N TRP A 4 -4.41 0.24 5.79
CA TRP A 4 -4.46 1.68 5.54
C TRP A 4 -3.06 2.27 5.47
N PHE A 5 -2.99 3.59 5.31
CA PHE A 5 -1.71 4.28 5.23
C PHE A 5 -0.81 3.91 6.41
N TRP A 6 0.41 3.49 6.10
CA TRP A 6 1.37 3.10 7.15
C TRP A 6 0.81 1.96 7.99
N GLY A 7 0.08 1.07 7.35
CA GLY A 7 -0.49 -0.07 8.06
C GLY A 7 0.38 -1.30 7.99
N GLY A 8 1.08 -1.46 6.87
CA GLY A 8 1.95 -2.61 6.71
C GLY A 8 1.39 -3.62 5.71
N CYS A 9 2.28 -4.23 4.94
CA CYS A 9 1.87 -5.21 3.93
C CYS A 9 3.09 -5.78 3.21
N ASN A 10 2.84 -6.74 2.32
CA ASN A 10 3.92 -7.37 1.56
C ASN A 10 3.67 -7.23 0.06
N ASN A 11 2.41 -7.32 -0.34
CA ASN A 11 2.04 -7.21 -1.74
C ASN A 11 1.07 -6.04 -1.96
N ASP A 12 0.88 -5.67 -3.23
CA ASP A 12 -0.02 -4.57 -3.57
C ASP A 12 -1.47 -4.93 -3.23
N ALA A 13 -1.86 -6.17 -3.52
CA ALA A 13 -3.21 -6.63 -3.24
C ALA A 13 -3.51 -6.57 -1.76
N ASP A 14 -2.50 -6.85 -0.93
CA ASP A 14 -2.67 -6.81 0.52
C ASP A 14 -3.29 -5.49 0.97
N CYS A 15 -2.89 -4.40 0.32
CA CYS A 15 -3.39 -3.08 0.66
C CYS A 15 -4.65 -2.77 -0.14
N CYS A 16 -5.28 -1.64 0.17
CA CYS A 16 -6.50 -1.22 -0.52
C CYS A 16 -6.20 -0.87 -1.98
N LYS A 17 -7.25 -0.54 -2.73
CA LYS A 17 -7.10 -0.20 -4.13
C LYS A 17 -6.43 1.16 -4.30
N HIS A 18 -6.78 2.09 -3.40
CA HIS A 18 -6.21 3.43 -3.44
C HIS A 18 -4.75 3.42 -3.00
N LEU A 19 -4.43 2.58 -2.02
CA LEU A 19 -3.08 2.46 -1.51
C LEU A 19 -2.30 1.40 -2.28
N GLU A 20 -0.97 1.55 -2.31
CA GLU A 20 -0.12 0.61 -3.00
C GLU A 20 1.10 0.24 -2.15
N CYS A 21 1.28 -1.07 -1.94
CA CYS A 21 2.39 -1.55 -1.14
C CYS A 21 3.73 -1.32 -1.84
N LYS A 22 4.66 -0.68 -1.15
CA LYS A 22 5.97 -0.40 -1.70
C LYS A 22 6.71 -1.69 -2.05
N ARG A 23 7.46 -1.68 -3.15
CA ARG A 23 8.22 -2.84 -3.58
C ARG A 23 9.62 -2.82 -3.01
N LYS A 24 9.75 -2.34 -1.78
CA LYS A 24 11.05 -2.25 -1.11
C LYS A 24 10.89 -2.32 0.40
N TRP A 25 11.87 -2.92 1.07
CA TRP A 25 11.84 -3.05 2.52
C TRP A 25 12.45 -1.83 3.19
N PRO A 26 11.77 -1.32 4.23
CA PRO A 26 10.52 -1.90 4.71
C PRO A 26 9.36 -1.68 3.74
N HIS A 27 8.52 -2.72 3.58
CA HIS A 27 7.39 -2.64 2.68
C HIS A 27 6.14 -2.17 3.42
N ILE A 28 5.54 -1.09 2.95
CA ILE A 28 4.33 -0.55 3.57
C ILE A 28 3.35 -0.04 2.51
N CYS A 29 2.12 0.22 2.94
CA CYS A 29 1.09 0.71 2.04
C CYS A 29 1.14 2.24 1.92
N LEU A 30 1.43 2.72 0.71
CA LEU A 30 1.51 4.16 0.47
C LEU A 30 0.37 4.63 -0.43
N TRP A 31 0.36 5.92 -0.74
CA TRP A 31 -0.68 6.48 -1.60
C TRP A 31 -0.21 6.53 -3.06
N ASP A 32 -1.14 6.27 -3.98
CA ASP A 32 -0.81 6.29 -5.40
C ASP A 32 -0.40 7.69 -5.84
N GLY A 33 -1.25 8.67 -5.57
CA GLY A 33 -0.96 10.03 -5.96
C GLY A 33 -1.86 10.54 -7.06
N THR A 34 -2.31 9.62 -7.91
CA THR A 34 -3.19 9.98 -9.02
C THR A 34 -4.65 9.73 -8.67
N PHE A 35 -5.50 10.73 -8.90
CA PHE A 35 -6.92 10.62 -8.61
C PHE A 35 -7.57 9.53 -9.45
N THR A 36 -8.56 8.86 -8.88
CA THR A 36 -9.26 7.77 -9.57
C THR A 36 -10.03 8.32 -10.78
N GLU A 1 -10.96 -7.17 4.90
CA GLU A 1 -10.48 -5.88 5.38
C GLU A 1 -9.04 -5.63 4.94
N CYS A 2 -8.84 -4.64 4.08
CA CYS A 2 -7.52 -4.30 3.58
C CYS A 2 -6.74 -3.50 4.62
N ARG A 3 -5.59 -2.96 4.20
CA ARG A 3 -4.76 -2.17 5.09
C ARG A 3 -4.89 -0.68 4.79
N TRP A 4 -4.44 0.15 5.72
CA TRP A 4 -4.50 1.61 5.54
C TRP A 4 -3.11 2.20 5.49
N PHE A 5 -3.04 3.53 5.40
CA PHE A 5 -1.77 4.24 5.34
C PHE A 5 -0.86 3.81 6.48
N TRP A 6 0.39 3.48 6.14
CA TRP A 6 1.36 3.05 7.13
C TRP A 6 0.83 1.89 7.96
N GLY A 7 0.06 1.02 7.31
CA GLY A 7 -0.49 -0.13 8.00
C GLY A 7 0.42 -1.35 7.95
N GLY A 8 1.17 -1.47 6.86
CA GLY A 8 2.07 -2.60 6.72
C GLY A 8 1.54 -3.66 5.77
N CYS A 9 2.44 -4.26 5.00
CA CYS A 9 2.05 -5.30 4.04
C CYS A 9 3.27 -5.85 3.32
N ASN A 10 3.04 -6.82 2.44
CA ASN A 10 4.12 -7.43 1.67
C ASN A 10 3.85 -7.33 0.18
N ASN A 11 2.57 -7.46 -0.20
CA ASN A 11 2.18 -7.38 -1.60
C ASN A 11 1.23 -6.22 -1.84
N ASP A 12 1.02 -5.88 -3.10
CA ASP A 12 0.13 -4.78 -3.46
C ASP A 12 -1.32 -5.13 -3.13
N ALA A 13 -1.67 -6.40 -3.31
CA ALA A 13 -3.02 -6.86 -3.04
C ALA A 13 -3.39 -6.65 -1.57
N ASP A 14 -2.42 -6.81 -0.69
CA ASP A 14 -2.63 -6.63 0.74
C ASP A 14 -3.29 -5.28 1.03
N CYS A 15 -2.80 -4.25 0.36
CA CYS A 15 -3.34 -2.90 0.54
C CYS A 15 -4.51 -2.65 -0.42
N CYS A 16 -5.40 -1.75 -0.04
CA CYS A 16 -6.55 -1.41 -0.85
C CYS A 16 -6.12 -0.89 -2.22
N LYS A 17 -7.09 -0.49 -3.04
CA LYS A 17 -6.81 0.03 -4.36
C LYS A 17 -6.19 1.42 -4.29
N HIS A 18 -6.75 2.26 -3.42
CA HIS A 18 -6.26 3.62 -3.25
C HIS A 18 -4.80 3.62 -2.80
N LEU A 19 -4.45 2.68 -1.92
CA LEU A 19 -3.09 2.57 -1.41
C LEU A 19 -2.25 1.64 -2.29
N GLU A 20 -0.95 1.59 -2.01
CA GLU A 20 -0.04 0.75 -2.78
C GLU A 20 1.11 0.28 -1.91
N CYS A 21 1.31 -1.04 -1.86
CA CYS A 21 2.38 -1.62 -1.06
C CYS A 21 3.73 -1.46 -1.76
N LYS A 22 4.59 -0.63 -1.17
CA LYS A 22 5.91 -0.38 -1.73
C LYS A 22 6.64 -1.69 -2.02
N ARG A 23 7.32 -1.75 -3.15
CA ARG A 23 8.06 -2.95 -3.54
C ARG A 23 9.50 -2.88 -3.06
N LYS A 24 9.70 -2.29 -1.88
CA LYS A 24 11.03 -2.16 -1.30
C LYS A 24 10.96 -2.09 0.23
N TRP A 25 11.59 -3.06 0.88
CA TRP A 25 11.62 -3.11 2.33
C TRP A 25 12.19 -1.83 2.92
N PRO A 26 11.54 -1.30 3.97
CA PRO A 26 10.32 -1.92 4.53
C PRO A 26 9.13 -1.80 3.60
N HIS A 27 8.32 -2.85 3.54
CA HIS A 27 7.14 -2.87 2.69
C HIS A 27 5.93 -2.29 3.42
N ILE A 28 5.39 -1.19 2.91
CA ILE A 28 4.24 -0.54 3.52
C ILE A 28 3.31 0.04 2.47
N CYS A 29 2.10 0.37 2.88
CA CYS A 29 1.11 0.95 1.96
C CYS A 29 1.26 2.46 1.88
N LEU A 30 1.35 2.97 0.66
CA LEU A 30 1.50 4.41 0.44
C LEU A 30 0.40 4.93 -0.48
N TRP A 31 -0.06 6.15 -0.21
CA TRP A 31 -1.11 6.77 -1.01
C TRP A 31 -0.67 6.90 -2.47
N ASP A 32 -1.53 6.46 -3.38
CA ASP A 32 -1.23 6.53 -4.81
C ASP A 32 -1.70 7.86 -5.40
N GLY A 33 -1.60 7.99 -6.72
CA GLY A 33 -2.01 9.21 -7.38
C GLY A 33 -0.83 10.03 -7.88
N THR A 34 0.29 9.92 -7.17
CA THR A 34 1.50 10.67 -7.54
C THR A 34 2.33 9.88 -8.55
N PHE A 35 3.24 10.58 -9.22
CA PHE A 35 4.11 9.95 -10.21
C PHE A 35 4.91 8.81 -9.59
N THR A 36 4.88 7.65 -10.23
CA THR A 36 5.61 6.49 -9.74
C THR A 36 6.79 6.15 -10.65
N GLU A 1 -10.86 -6.14 4.08
CA GLU A 1 -10.29 -5.31 5.12
C GLU A 1 -8.84 -4.95 4.79
N CYS A 2 -8.65 -4.26 3.67
CA CYS A 2 -7.32 -3.85 3.24
C CYS A 2 -6.62 -3.04 4.33
N ARG A 3 -5.33 -2.78 4.14
CA ARG A 3 -4.54 -2.02 5.10
C ARG A 3 -4.59 -0.53 4.79
N TRP A 4 -4.35 0.30 5.79
CA TRP A 4 -4.36 1.74 5.62
C TRP A 4 -2.94 2.30 5.61
N PHE A 5 -2.84 3.62 5.52
CA PHE A 5 -1.53 4.29 5.50
C PHE A 5 -0.69 3.85 6.68
N TRP A 6 0.55 3.45 6.41
CA TRP A 6 1.46 3.01 7.46
C TRP A 6 0.86 1.87 8.26
N GLY A 7 0.22 0.93 7.56
CA GLY A 7 -0.39 -0.21 8.23
C GLY A 7 0.45 -1.47 8.11
N GLY A 8 1.15 -1.61 6.99
CA GLY A 8 1.98 -2.78 6.78
C GLY A 8 1.44 -3.69 5.71
N CYS A 9 2.34 -4.29 4.92
CA CYS A 9 1.94 -5.19 3.85
C CYS A 9 3.17 -5.75 3.13
N ASN A 10 2.94 -6.62 2.16
CA ASN A 10 4.02 -7.23 1.39
C ASN A 10 3.79 -7.05 -0.10
N ASN A 11 2.53 -7.16 -0.52
CA ASN A 11 2.18 -7.01 -1.93
C ASN A 11 1.18 -5.87 -2.12
N ASP A 12 0.83 -5.61 -3.38
CA ASP A 12 -0.12 -4.55 -3.69
C ASP A 12 -1.53 -4.93 -3.25
N ALA A 13 -1.86 -6.21 -3.39
CA ALA A 13 -3.18 -6.70 -3.00
C ALA A 13 -3.43 -6.48 -1.52
N ASP A 14 -2.38 -6.62 -0.71
CA ASP A 14 -2.49 -6.43 0.74
C ASP A 14 -3.09 -5.07 1.06
N CYS A 15 -2.76 -4.07 0.25
CA CYS A 15 -3.26 -2.72 0.46
C CYS A 15 -4.58 -2.52 -0.28
N CYS A 16 -5.23 -1.38 -0.03
CA CYS A 16 -6.50 -1.07 -0.67
C CYS A 16 -6.32 -0.85 -2.16
N LYS A 17 -7.43 -0.86 -2.89
CA LYS A 17 -7.41 -0.66 -4.33
C LYS A 17 -6.71 0.65 -4.69
N HIS A 18 -6.80 1.64 -3.80
CA HIS A 18 -6.17 2.93 -4.02
C HIS A 18 -4.79 2.97 -3.38
N LEU A 19 -4.64 2.29 -2.25
CA LEU A 19 -3.37 2.25 -1.54
C LEU A 19 -2.40 1.28 -2.20
N GLU A 20 -1.21 1.75 -2.51
CA GLU A 20 -0.19 0.92 -3.15
C GLU A 20 0.94 0.59 -2.17
N CYS A 21 1.27 -0.69 -2.08
CA CYS A 21 2.33 -1.14 -1.17
C CYS A 21 3.68 -1.13 -1.88
N LYS A 22 4.64 -0.43 -1.28
CA LYS A 22 5.99 -0.33 -1.85
C LYS A 22 6.60 -1.71 -2.03
N ARG A 23 7.32 -1.90 -3.13
CA ARG A 23 7.96 -3.18 -3.41
C ARG A 23 9.38 -3.20 -2.88
N LYS A 24 9.58 -2.58 -1.72
CA LYS A 24 10.90 -2.53 -1.09
C LYS A 24 10.78 -2.53 0.43
N TRP A 25 11.79 -3.06 1.10
CA TRP A 25 11.79 -3.13 2.56
C TRP A 25 12.41 -1.87 3.15
N PRO A 26 11.76 -1.31 4.18
CA PRO A 26 10.51 -1.87 4.72
C PRO A 26 9.33 -1.71 3.75
N HIS A 27 8.51 -2.74 3.67
CA HIS A 27 7.35 -2.71 2.78
C HIS A 27 6.11 -2.22 3.52
N ILE A 28 5.58 -1.07 3.10
CA ILE A 28 4.40 -0.49 3.72
C ILE A 28 3.41 -0.01 2.68
N CYS A 29 2.18 0.29 3.11
CA CYS A 29 1.14 0.76 2.21
C CYS A 29 1.16 2.28 2.11
N LEU A 30 1.42 2.78 0.92
CA LEU A 30 1.46 4.22 0.69
C LEU A 30 0.43 4.64 -0.35
N TRP A 31 0.02 5.91 -0.30
CA TRP A 31 -0.96 6.44 -1.24
C TRP A 31 -0.38 6.52 -2.64
N ASP A 32 -1.13 6.04 -3.62
CA ASP A 32 -0.69 6.07 -5.01
C ASP A 32 -0.58 7.51 -5.52
N GLY A 33 -1.73 8.15 -5.70
CA GLY A 33 -1.74 9.52 -6.18
C GLY A 33 -2.18 9.63 -7.63
N THR A 34 -1.91 8.58 -8.41
CA THR A 34 -2.27 8.56 -9.82
C THR A 34 -3.75 8.24 -10.00
N PHE A 35 -4.37 8.87 -10.99
CA PHE A 35 -5.79 8.64 -11.27
C PHE A 35 -6.04 7.21 -11.73
N THR A 36 -7.19 6.67 -11.37
CA THR A 36 -7.54 5.30 -11.75
C THR A 36 -8.95 5.25 -12.34
#